data_6Z6C
#
_entry.id   6Z6C
#
_cell.length_a   45.117
_cell.length_b   46.893
_cell.length_c   80.173
_cell.angle_alpha   103.083
_cell.angle_beta   98.536
_cell.angle_gamma   108.512
#
_symmetry.space_group_name_H-M   'P 1'
#
loop_
_entity.id
_entity.type
_entity.pdbx_description
1 polymer 'Fucose-specific lectin'
2 non-polymer 4-((1-(2-(2-(2-(2-hydroxyethoxy)ethoxy)ethoxy)ethyl)-1H-1,2,3-triazol-4-yl)methoxy)benzyl-a-L-thiofucoside
3 non-polymer GLYCEROL
4 non-polymer 'SODIUM ION'
5 non-polymer 'TRIETHYLENE GLYCOL'
6 water water
#
_entity_poly.entity_id   1
_entity_poly.type   'polypeptide(L)'
_entity_poly.pdbx_seq_one_letter_code
;GHMSTPGAQQVLFRTGIAAVNSTNHLRVYFQDVYGSIRESLYEGSWANGTEKNVIGNAKLGSPVAATSKELKHIRVYTLT
EGNTLQEFAYDSGTGWYNGGLGGAKFQVAPYSCIAAVFLAGTDALQLRIYAQKPDNTIQEYMWNGDGWKEGTNLGGALPG
TGIGATSFRYTDYNGPSIRIWFQTDDLKLVQRAYDPHKGWYPDLVTIFDRAPPRTAIAATSFGAGNSSIYMRIYFVNSDN
TIWQVCWDHGKGYHDKGTITPVIQGSEVAIISWGSFANNGPDLRLYFQNGTYISAVSEWVWNRAHGSQLGRSALPPA
;
_entity_poly.pdbx_strand_id   AAA,BBB
#
# COMPACT_ATOMS: atom_id res chain seq x y z
N MET A 3 3.31 8.71 20.04
CA MET A 3 4.03 9.09 18.77
C MET A 3 3.04 9.28 17.60
N SER A 4 1.77 8.97 17.75
CA SER A 4 0.75 9.32 16.75
C SER A 4 -0.23 10.31 17.39
N THR A 5 -1.28 10.65 16.65
CA THR A 5 -2.41 11.46 17.18
C THR A 5 -3.68 10.77 16.77
N PRO A 6 -4.79 11.04 17.48
CA PRO A 6 -6.07 10.41 17.11
C PRO A 6 -6.40 10.73 15.65
N GLY A 7 -6.14 11.98 15.27
CA GLY A 7 -6.50 12.38 13.90
C GLY A 7 -5.61 11.70 12.89
N ALA A 8 -4.32 11.54 13.18
CA ALA A 8 -3.43 10.86 12.23
C ALA A 8 -3.89 9.44 11.96
N GLN A 9 -4.38 8.74 12.98
CA GLN A 9 -4.85 7.36 12.88
C GLN A 9 -6.04 7.22 11.92
N GLN A 10 -6.74 8.33 11.61
CA GLN A 10 -7.90 8.32 10.69
C GLN A 10 -7.47 8.33 9.21
N VAL A 11 -6.21 8.68 8.94
CA VAL A 11 -5.70 8.79 7.55
C VAL A 11 -5.25 7.43 7.09
N LEU A 12 -5.66 7.01 5.91
CA LEU A 12 -5.23 5.73 5.36
C LEU A 12 -3.74 5.75 5.05
N PHE A 13 -3.04 4.73 5.48
CA PHE A 13 -1.61 4.57 5.15
C PHE A 13 -1.50 4.35 3.63
N ARG A 14 -0.65 5.15 2.99
CA ARG A 14 -0.46 5.14 1.52
C ARG A 14 -1.74 5.63 0.81
N THR A 15 -2.50 6.48 1.45
CA THR A 15 -3.68 7.13 0.82
C THR A 15 -3.26 7.82 -0.47
N GLY A 16 -4.18 7.80 -1.40
CA GLY A 16 -4.10 8.73 -2.54
C GLY A 16 -4.19 10.15 -2.03
N ILE A 17 -3.55 11.09 -2.69
CA ILE A 17 -3.54 12.50 -2.28
C ILE A 17 -3.69 13.37 -3.50
N ALA A 18 -4.51 14.36 -3.39
CA ALA A 18 -4.64 15.38 -4.43
C ALA A 18 -4.75 16.75 -3.81
N ALA A 19 -4.51 17.79 -4.56
CA ALA A 19 -4.56 19.15 -4.04
C ALA A 19 -4.96 20.12 -5.17
N VAL A 20 -5.66 21.16 -4.80
CA VAL A 20 -6.00 22.29 -5.71
C VAL A 20 -5.78 23.59 -4.95
N ASN A 21 -5.84 24.70 -5.66
CA ASN A 21 -5.54 26.00 -5.09
C ASN A 21 -6.04 27.13 -5.99
N SER A 22 -6.24 28.26 -5.36
CA SER A 22 -6.21 29.60 -5.95
C SER A 22 -5.13 30.37 -5.22
N THR A 23 -4.00 30.64 -5.86
CA THR A 23 -2.76 31.12 -5.19
C THR A 23 -2.63 30.39 -3.86
N ASN A 24 -2.58 31.09 -2.72
CA ASN A 24 -2.24 30.47 -1.43
C ASN A 24 -3.50 30.00 -0.67
N HIS A 25 -4.63 29.87 -1.36
CA HIS A 25 -5.88 29.29 -0.83
C HIS A 25 -5.95 27.83 -1.24
N LEU A 26 -5.75 26.88 -0.34
CA LEU A 26 -5.42 25.49 -0.72
C LEU A 26 -6.51 24.53 -0.26
N ARG A 27 -6.65 23.44 -0.98
CA ARG A 27 -7.50 22.30 -0.61
C ARG A 27 -6.67 21.05 -0.83
N VAL A 28 -6.71 20.11 0.11
CA VAL A 28 -6.05 18.81 -0.01
C VAL A 28 -7.07 17.71 0.23
N TYR A 29 -7.08 16.72 -0.61
CA TYR A 29 -8.00 15.57 -0.57
C TYR A 29 -7.22 14.30 -0.29
N PHE A 30 -7.80 13.45 0.53
CA PHE A 30 -7.16 12.20 0.95
C PHE A 30 -8.27 11.24 1.36
N GLN A 31 -7.90 10.00 1.58
CA GLN A 31 -8.83 8.94 1.93
C GLN A 31 -8.62 8.56 3.39
N ASP A 32 -9.73 8.42 4.10
CA ASP A 32 -9.66 7.95 5.49
C ASP A 32 -9.68 6.44 5.51
N VAL A 33 -9.49 5.87 6.72
CA VAL A 33 -9.39 4.43 6.85
C VAL A 33 -10.70 3.71 6.55
N TYR A 34 -11.83 4.44 6.45
CA TYR A 34 -13.16 3.86 6.14
C TYR A 34 -13.50 3.98 4.65
N GLY A 35 -12.63 4.64 3.89
CA GLY A 35 -12.83 4.80 2.44
C GLY A 35 -13.40 6.14 2.07
N SER A 36 -13.79 6.99 2.99
CA SER A 36 -14.33 8.35 2.69
C SER A 36 -13.23 9.22 2.17
N ILE A 37 -13.55 10.07 1.22
CA ILE A 37 -12.65 11.14 0.74
C ILE A 37 -12.97 12.39 1.54
N ARG A 38 -11.96 12.93 2.20
CA ARG A 38 -12.05 14.12 3.04
C ARG A 38 -11.29 15.28 2.41
N GLU A 39 -11.65 16.48 2.77
CA GLU A 39 -11.01 17.72 2.34
C GLU A 39 -10.43 18.46 3.55
N SER A 40 -9.15 18.72 3.49
CA SER A 40 -8.47 19.64 4.43
C SER A 40 -8.32 20.98 3.72
N LEU A 41 -8.32 22.08 4.44
CA LEU A 41 -8.23 23.40 3.78
C LEU A 41 -7.29 24.33 4.47
N TYR A 42 -6.75 25.23 3.69
CA TYR A 42 -5.88 26.31 4.13
C TYR A 42 -6.45 27.62 3.60
N GLU A 43 -6.99 28.40 4.52
CA GLU A 43 -7.42 29.80 4.28
C GLU A 43 -6.75 30.64 5.37
N GLY A 44 -5.44 30.72 5.33
CA GLY A 44 -4.60 31.43 6.31
C GLY A 44 -4.13 30.54 7.43
N SER A 45 -4.79 29.43 7.64
CA SER A 45 -4.46 28.39 8.63
C SER A 45 -5.08 27.07 8.17
N TRP A 46 -4.56 25.96 8.64
CA TRP A 46 -5.07 24.61 8.30
C TRP A 46 -6.31 24.28 9.09
N ALA A 47 -7.28 23.70 8.39
CA ALA A 47 -8.60 23.38 8.94
C ALA A 47 -9.18 22.12 8.33
N ASN A 48 -10.24 21.63 8.94
CA ASN A 48 -11.11 20.57 8.41
C ASN A 48 -10.41 19.22 8.39
N GLY A 49 -10.61 18.40 7.36
CA GLY A 49 -10.10 17.03 7.31
C GLY A 49 -10.78 16.09 8.27
N THR A 50 -11.94 16.46 8.82
CA THR A 50 -12.64 15.62 9.79
C THR A 50 -13.75 14.79 9.13
N GLU A 51 -14.45 14.00 9.92
CA GLU A 51 -15.59 13.17 9.44
C GLU A 51 -16.68 14.09 8.87
N LYS A 52 -16.72 15.37 9.30
CA LYS A 52 -17.74 16.34 8.83
C LYS A 52 -17.30 16.96 7.50
N ASN A 53 -16.12 16.62 7.00
CA ASN A 53 -15.54 17.22 5.76
C ASN A 53 -15.41 16.16 4.67
N VAL A 54 -16.32 15.22 4.61
CA VAL A 54 -16.36 14.14 3.60
C VAL A 54 -17.11 14.61 2.36
N ILE A 55 -16.49 14.40 1.20
CA ILE A 55 -17.11 14.81 -0.09
C ILE A 55 -17.61 13.62 -0.89
N GLY A 56 -17.38 12.40 -0.42
CA GLY A 56 -17.85 11.18 -1.06
C GLY A 56 -17.08 10.00 -0.58
N ASN A 57 -17.37 8.85 -1.13
CA ASN A 57 -16.77 7.55 -0.77
C ASN A 57 -16.21 6.91 -2.04
N ALA A 58 -15.11 6.20 -1.89
CA ALA A 58 -14.44 5.50 -2.98
C ALA A 58 -13.93 4.15 -2.50
N LYS A 59 -13.60 3.26 -3.39
CA LYS A 59 -13.00 1.98 -3.00
C LYS A 59 -11.74 2.22 -2.15
N LEU A 60 -11.58 1.37 -1.16
CA LEU A 60 -10.37 1.50 -0.32
C LEU A 60 -9.13 1.33 -1.21
N GLY A 61 -8.21 2.25 -1.02
CA GLY A 61 -6.97 2.30 -1.80
C GLY A 61 -7.10 3.00 -3.14
N SER A 62 -8.23 3.63 -3.39
CA SER A 62 -8.47 4.29 -4.66
C SER A 62 -7.39 5.30 -4.94
N PRO A 63 -7.09 5.55 -6.23
CA PRO A 63 -6.39 6.76 -6.57
C PRO A 63 -7.27 7.97 -6.25
N VAL A 64 -6.65 9.11 -6.06
CA VAL A 64 -7.37 10.38 -5.79
C VAL A 64 -6.69 11.44 -6.64
N ALA A 65 -7.46 12.07 -7.52
CA ALA A 65 -6.97 13.15 -8.40
C ALA A 65 -7.91 14.33 -8.28
N ALA A 66 -7.42 15.53 -8.48
CA ALA A 66 -8.26 16.74 -8.39
C ALA A 66 -7.71 17.81 -9.28
N THR A 67 -8.61 18.65 -9.77
CA THR A 67 -8.28 19.81 -10.61
C THR A 67 -9.29 20.91 -10.28
N SER A 68 -8.91 22.14 -10.58
CA SER A 68 -9.82 23.27 -10.31
C SER A 68 -9.58 24.42 -11.26
N LYS A 69 -10.58 25.27 -11.32
CA LYS A 69 -10.50 26.63 -11.89
C LYS A 69 -10.54 27.59 -10.70
N GLU A 70 -9.37 28.00 -10.23
CA GLU A 70 -9.21 28.70 -8.95
C GLU A 70 -9.94 27.84 -7.91
N LEU A 71 -10.77 28.42 -7.06
CA LEU A 71 -11.60 27.57 -6.17
C LEU A 71 -13.07 27.81 -6.50
N LYS A 72 -13.35 28.25 -7.71
CA LYS A 72 -14.74 28.43 -8.18
C LYS A 72 -15.33 27.09 -8.62
N HIS A 73 -14.51 26.25 -9.26
CA HIS A 73 -14.94 24.92 -9.73
C HIS A 73 -13.89 23.92 -9.31
N ILE A 74 -14.25 22.88 -8.59
CA ILE A 74 -13.28 21.82 -8.20
C ILE A 74 -13.87 20.48 -8.64
N ARG A 75 -13.02 19.57 -9.13
CA ARG A 75 -13.47 18.25 -9.51
C ARG A 75 -12.50 17.25 -8.90
N VAL A 76 -13.01 16.24 -8.22
CA VAL A 76 -12.19 15.23 -7.54
C VAL A 76 -12.58 13.85 -8.09
N TYR A 77 -11.59 13.11 -8.56
CA TYR A 77 -11.77 11.84 -9.27
C TYR A 77 -11.20 10.68 -8.47
N THR A 78 -11.99 9.63 -8.40
CA THR A 78 -11.67 8.38 -7.70
C THR A 78 -12.31 7.20 -8.41
N LEU A 79 -12.09 6.00 -7.91
CA LEU A 79 -12.70 4.76 -8.40
C LEU A 79 -13.79 4.28 -7.49
N THR A 80 -14.88 3.81 -8.07
CA THR A 80 -15.96 3.15 -7.34
C THR A 80 -15.51 1.73 -6.98
N GLU A 81 -16.30 1.04 -6.20
CA GLU A 81 -16.07 -0.39 -5.91
C GLU A 81 -16.10 -1.23 -7.21
N GLY A 82 -16.86 -0.77 -8.20
CA GLY A 82 -16.96 -1.43 -9.53
C GLY A 82 -15.85 -1.05 -10.48
N ASN A 83 -14.81 -0.35 -10.00
CA ASN A 83 -13.66 0.08 -10.84
C ASN A 83 -14.17 0.92 -12.01
N THR A 84 -15.15 1.78 -11.75
CA THR A 84 -15.50 2.81 -12.74
C THR A 84 -15.03 4.17 -12.24
N LEU A 85 -14.75 5.08 -13.16
CA LEU A 85 -14.39 6.45 -12.82
C LEU A 85 -15.60 7.15 -12.17
N GLN A 86 -15.35 7.95 -11.14
CA GLN A 86 -16.40 8.80 -10.57
C GLN A 86 -15.83 10.18 -10.24
N GLU A 87 -16.71 11.12 -9.97
CA GLU A 87 -16.37 12.54 -9.84
C GLU A 87 -17.20 13.15 -8.71
N PHE A 88 -16.54 13.85 -7.81
CA PHE A 88 -17.19 14.74 -6.82
C PHE A 88 -16.92 16.14 -7.28
N ALA A 89 -17.98 16.91 -7.44
CA ALA A 89 -17.91 18.25 -8.03
C ALA A 89 -18.30 19.32 -7.03
N TYR A 90 -17.60 20.44 -7.05
CA TYR A 90 -17.93 21.66 -6.29
C TYR A 90 -18.03 22.81 -7.29
N ASP A 91 -19.13 23.56 -7.25
CA ASP A 91 -19.14 24.87 -7.94
C ASP A 91 -19.53 25.93 -6.92
N SER A 92 -18.92 27.10 -6.95
N SER A 92 -18.91 27.10 -6.95
CA SER A 92 -19.30 28.24 -6.10
CA SER A 92 -19.29 28.22 -6.06
C SER A 92 -20.81 28.44 -6.22
C SER A 92 -20.79 28.46 -6.20
N GLY A 93 -21.53 28.49 -5.09
CA GLY A 93 -22.98 28.81 -5.13
C GLY A 93 -23.85 27.57 -5.21
N THR A 94 -23.27 26.43 -5.49
CA THR A 94 -23.98 25.14 -5.54
C THR A 94 -23.52 24.24 -4.39
N GLY A 95 -22.23 24.23 -4.10
CA GLY A 95 -21.62 23.31 -3.14
C GLY A 95 -21.22 22.02 -3.82
N TRP A 96 -21.06 20.96 -3.05
CA TRP A 96 -20.63 19.62 -3.52
C TRP A 96 -21.81 18.82 -4.03
N TYR A 97 -21.55 18.04 -5.06
CA TYR A 97 -22.54 17.14 -5.65
C TYR A 97 -21.78 16.03 -6.35
N ASN A 98 -22.49 14.97 -6.64
CA ASN A 98 -22.02 13.83 -7.43
C ASN A 98 -22.02 14.27 -8.88
N GLY A 99 -20.83 14.36 -9.46
CA GLY A 99 -20.64 14.78 -10.85
C GLY A 99 -21.16 13.74 -11.82
N GLY A 100 -21.36 14.15 -13.09
CA GLY A 100 -21.93 13.29 -14.14
C GLY A 100 -20.95 12.24 -14.65
N LEU A 101 -19.67 12.26 -14.30
CA LEU A 101 -18.75 11.25 -14.88
C LEU A 101 -19.20 9.85 -14.47
N GLY A 102 -19.62 9.66 -13.21
CA GLY A 102 -19.94 8.32 -12.70
C GLY A 102 -21.05 7.68 -13.50
N GLY A 103 -22.00 8.45 -13.99
CA GLY A 103 -23.12 7.90 -14.75
C GLY A 103 -22.66 7.26 -16.06
N ALA A 104 -21.52 7.68 -16.63
CA ALA A 104 -20.99 7.10 -17.89
C ALA A 104 -20.46 5.66 -17.63
N LYS A 105 -20.14 5.30 -16.38
CA LYS A 105 -19.66 3.93 -16.02
C LYS A 105 -18.47 3.52 -16.92
N PHE A 106 -17.47 4.40 -17.00
CA PHE A 106 -16.22 4.08 -17.69
C PHE A 106 -15.42 3.09 -16.84
N GLN A 107 -15.32 1.89 -17.33
CA GLN A 107 -14.61 0.79 -16.67
C GLN A 107 -13.11 0.96 -16.91
N VAL A 108 -12.34 0.93 -15.83
CA VAL A 108 -10.86 0.99 -15.94
C VAL A 108 -10.26 -0.22 -15.24
N ALA A 109 -8.96 -0.38 -15.41
CA ALA A 109 -8.27 -1.46 -14.69
C ALA A 109 -8.47 -1.25 -13.18
N PRO A 110 -8.55 -2.34 -12.39
CA PRO A 110 -8.71 -2.15 -10.94
C PRO A 110 -7.54 -1.44 -10.25
N TYR A 111 -6.40 -1.52 -10.87
CA TYR A 111 -5.16 -0.89 -10.40
C TYR A 111 -4.87 0.42 -11.12
N SER A 112 -5.86 0.96 -11.85
CA SER A 112 -5.66 2.23 -12.56
C SER A 112 -5.39 3.37 -11.59
N CYS A 113 -4.53 4.27 -11.97
CA CYS A 113 -4.42 5.62 -11.39
C CYS A 113 -5.27 6.61 -12.20
N ILE A 114 -5.30 7.84 -11.77
CA ILE A 114 -6.10 8.88 -12.44
C ILE A 114 -5.31 10.18 -12.40
N ALA A 115 -5.31 10.91 -13.52
CA ALA A 115 -4.88 12.31 -13.52
C ALA A 115 -5.97 13.16 -14.14
N ALA A 116 -6.03 14.42 -13.77
CA ALA A 116 -7.13 15.26 -14.27
C ALA A 116 -6.63 16.68 -14.42
N VAL A 117 -7.12 17.36 -15.49
CA VAL A 117 -6.82 18.79 -15.67
C VAL A 117 -8.05 19.49 -16.24
N PHE A 118 -8.27 20.70 -15.82
CA PHE A 118 -9.04 21.68 -16.61
C PHE A 118 -8.07 22.26 -17.64
N LEU A 119 -8.52 22.40 -18.88
CA LEU A 119 -7.66 23.03 -19.91
C LEU A 119 -7.47 24.50 -19.57
N ALA A 120 -6.22 24.94 -19.69
CA ALA A 120 -5.79 26.30 -19.32
C ALA A 120 -6.30 27.33 -20.32
N GLY A 121 -6.44 28.55 -19.81
CA GLY A 121 -6.47 29.77 -20.62
C GLY A 121 -7.80 30.01 -21.27
N THR A 122 -8.82 29.35 -20.77
CA THR A 122 -10.21 29.61 -21.21
C THR A 122 -11.11 29.69 -19.98
N ASP A 123 -12.16 30.50 -20.05
CA ASP A 123 -13.18 30.59 -18.99
C ASP A 123 -14.11 29.39 -19.13
N ALA A 124 -14.17 28.76 -20.31
CA ALA A 124 -15.02 27.57 -20.53
C ALA A 124 -14.50 26.44 -19.62
N LEU A 125 -15.40 25.54 -19.20
CA LEU A 125 -14.96 24.39 -18.41
C LEU A 125 -14.74 23.25 -19.40
N GLN A 126 -13.47 22.88 -19.57
CA GLN A 126 -13.08 21.77 -20.46
C GLN A 126 -12.16 20.85 -19.64
N LEU A 127 -12.54 19.59 -19.51
CA LEU A 127 -11.80 18.65 -18.66
C LEU A 127 -11.15 17.55 -19.47
N ARG A 128 -9.95 17.15 -19.06
CA ARG A 128 -9.33 15.93 -19.59
C ARG A 128 -8.93 15.07 -18.40
N ILE A 129 -9.39 13.85 -18.39
CA ILE A 129 -9.07 12.84 -17.34
C ILE A 129 -8.26 11.75 -18.01
N TYR A 130 -7.24 11.21 -17.33
CA TYR A 130 -6.40 10.15 -17.87
C TYR A 130 -6.46 8.99 -16.89
N ALA A 131 -6.68 7.81 -17.39
CA ALA A 131 -6.72 6.59 -16.58
C ALA A 131 -6.28 5.40 -17.42
N GLN A 132 -6.18 4.23 -16.85
CA GLN A 132 -5.62 3.05 -17.51
C GLN A 132 -6.71 2.01 -17.68
N LYS A 133 -6.94 1.64 -18.94
CA LYS A 133 -7.96 0.63 -19.26
C LYS A 133 -7.47 -0.77 -18.90
N PRO A 134 -8.34 -1.78 -18.92
CA PRO A 134 -7.91 -3.15 -18.61
C PRO A 134 -6.83 -3.69 -19.54
N ASP A 135 -6.68 -3.15 -20.77
CA ASP A 135 -5.62 -3.57 -21.72
C ASP A 135 -4.32 -2.81 -21.44
N ASN A 136 -4.27 -2.06 -20.33
CA ASN A 136 -3.07 -1.34 -19.83
C ASN A 136 -2.75 -0.11 -20.66
N THR A 137 -3.61 0.27 -21.60
CA THR A 137 -3.39 1.54 -22.29
C THR A 137 -3.91 2.73 -21.48
N ILE A 138 -3.31 3.90 -21.73
CA ILE A 138 -3.72 5.16 -21.09
C ILE A 138 -4.79 5.76 -21.98
N GLN A 139 -5.96 5.98 -21.43
CA GLN A 139 -7.09 6.54 -22.12
C GLN A 139 -7.40 7.92 -21.59
N GLU A 140 -7.59 8.87 -22.48
CA GLU A 140 -8.09 10.20 -22.16
C GLU A 140 -9.61 10.19 -22.23
N TYR A 141 -10.26 10.84 -21.28
CA TYR A 141 -11.70 11.06 -21.22
C TYR A 141 -11.92 12.56 -21.21
N MET A 142 -12.83 13.05 -22.03
CA MET A 142 -12.98 14.50 -22.22
C MET A 142 -14.38 14.94 -21.84
N TRP A 143 -14.46 16.18 -21.35
CA TRP A 143 -15.76 16.87 -21.19
C TRP A 143 -15.57 18.26 -21.79
N ASN A 144 -16.30 18.54 -22.85
CA ASN A 144 -16.26 19.82 -23.61
C ASN A 144 -17.66 20.39 -23.69
N GLY A 145 -18.53 20.10 -22.75
CA GLY A 145 -19.88 20.70 -22.67
C GLY A 145 -20.91 19.82 -23.34
N ASP A 146 -20.50 18.79 -24.07
N ASP A 146 -20.48 18.77 -24.04
CA ASP A 146 -21.45 17.91 -24.80
CA ASP A 146 -21.37 17.90 -24.82
C ASP A 146 -21.64 16.63 -24.00
C ASP A 146 -21.62 16.62 -24.01
N GLY A 147 -20.95 16.47 -22.88
CA GLY A 147 -20.98 15.21 -22.16
C GLY A 147 -19.64 14.54 -22.17
N TRP A 148 -19.49 13.50 -21.38
CA TRP A 148 -18.23 12.77 -21.30
C TRP A 148 -18.11 11.88 -22.54
N LYS A 149 -16.90 11.89 -23.10
CA LYS A 149 -16.57 11.07 -24.28
C LYS A 149 -15.14 10.58 -24.10
N GLU A 150 -14.83 9.45 -24.71
CA GLU A 150 -13.44 9.03 -24.84
C GLU A 150 -12.73 10.00 -25.80
N GLY A 151 -11.56 10.43 -25.40
CA GLY A 151 -10.64 11.23 -26.23
C GLY A 151 -9.59 10.33 -26.84
N THR A 152 -8.36 10.80 -26.84
CA THR A 152 -7.25 10.07 -27.49
C THR A 152 -6.77 8.92 -26.59
N ASN A 153 -6.50 7.75 -27.17
CA ASN A 153 -5.77 6.67 -26.49
C ASN A 153 -4.29 6.91 -26.68
N LEU A 154 -3.53 6.93 -25.59
CA LEU A 154 -2.09 7.31 -25.57
C LEU A 154 -1.17 6.09 -25.45
N GLY A 155 -1.68 4.89 -25.69
CA GLY A 155 -0.88 3.67 -25.80
C GLY A 155 -0.56 3.02 -24.47
N GLY A 156 0.29 2.01 -24.56
CA GLY A 156 0.55 1.11 -23.45
C GLY A 156 1.37 1.81 -22.35
N ALA A 157 1.13 1.34 -21.15
CA ALA A 157 1.92 1.74 -19.99
C ALA A 157 2.05 0.56 -19.01
N LEU A 158 2.95 0.69 -18.05
N LEU A 158 2.95 0.69 -18.05
CA LEU A 158 3.10 -0.34 -17.00
CA LEU A 158 3.11 -0.33 -17.02
C LEU A 158 1.75 -0.51 -16.32
C LEU A 158 1.76 -0.52 -16.31
N PRO A 159 1.30 -1.77 -16.09
CA PRO A 159 0.06 -1.97 -15.34
C PRO A 159 0.13 -1.33 -13.95
N GLY A 160 -0.74 -0.36 -13.68
CA GLY A 160 -0.79 0.29 -12.37
C GLY A 160 0.14 1.49 -12.27
N THR A 161 0.62 1.99 -13.42
CA THR A 161 1.41 3.21 -13.46
C THR A 161 0.73 4.37 -12.75
N GLY A 162 1.54 5.18 -12.11
CA GLY A 162 1.13 6.53 -11.71
C GLY A 162 0.88 7.36 -12.95
N ILE A 163 0.10 8.41 -12.84
CA ILE A 163 -0.11 9.31 -13.99
C ILE A 163 -0.09 10.74 -13.47
N GLY A 164 0.76 11.58 -14.03
CA GLY A 164 0.74 13.01 -13.74
C GLY A 164 0.29 13.80 -14.93
N ALA A 165 -0.34 14.94 -14.72
CA ALA A 165 -0.81 15.74 -15.86
C ALA A 165 -0.82 17.21 -15.50
N THR A 166 -0.66 18.06 -16.51
CA THR A 166 -0.76 19.51 -16.36
C THR A 166 -1.27 20.10 -17.67
N SER A 167 -1.97 21.20 -17.58
CA SER A 167 -2.33 21.99 -18.77
C SER A 167 -1.83 23.40 -18.55
N PHE A 168 -1.34 24.06 -19.60
CA PHE A 168 -0.94 25.47 -19.57
C PHE A 168 -1.27 26.03 -20.96
N ARG A 169 -1.26 27.34 -21.06
CA ARG A 169 -1.46 27.98 -22.36
C ARG A 169 -0.33 28.96 -22.54
N TYR A 170 0.46 28.74 -23.59
CA TYR A 170 1.49 29.72 -23.94
C TYR A 170 0.78 31.04 -24.30
N THR A 171 1.36 32.16 -23.95
CA THR A 171 0.71 33.49 -24.15
C THR A 171 0.66 33.88 -25.62
N ASP A 172 1.42 33.20 -26.48
CA ASP A 172 1.44 33.43 -27.95
C ASP A 172 0.61 32.37 -28.68
N TYR A 173 0.04 31.40 -28.00
CA TYR A 173 -0.79 30.33 -28.64
C TYR A 173 -2.28 30.66 -28.52
N ASN A 174 -3.05 30.03 -29.39
CA ASN A 174 -4.51 30.28 -29.47
C ASN A 174 -5.29 29.21 -28.76
N GLY A 175 -4.63 28.30 -28.06
CA GLY A 175 -5.30 27.22 -27.35
C GLY A 175 -4.32 26.54 -26.43
N PRO A 176 -4.86 25.66 -25.61
CA PRO A 176 -4.12 25.05 -24.51
C PRO A 176 -3.23 23.91 -24.99
N SER A 177 -2.23 23.64 -24.15
CA SER A 177 -1.28 22.55 -24.24
C SER A 177 -1.54 21.60 -23.10
N ILE A 178 -1.11 20.37 -23.24
CA ILE A 178 -1.25 19.33 -22.19
C ILE A 178 0.09 18.62 -22.13
N ARG A 179 0.51 18.23 -20.94
CA ARG A 179 1.66 17.33 -20.75
C ARG A 179 1.23 16.26 -19.76
N ILE A 180 1.55 15.01 -20.02
CA ILE A 180 1.26 13.90 -19.08
C ILE A 180 2.53 13.08 -18.95
N TRP A 181 2.63 12.44 -17.79
CA TRP A 181 3.78 11.60 -17.47
C TRP A 181 3.29 10.27 -16.91
N PHE A 182 3.95 9.20 -17.28
CA PHE A 182 3.58 7.87 -16.80
C PHE A 182 4.80 6.97 -16.91
N GLN A 183 4.64 5.73 -16.47
CA GLN A 183 5.73 4.76 -16.48
C GLN A 183 5.44 3.74 -17.57
N THR A 184 6.43 3.46 -18.41
CA THR A 184 6.28 2.43 -19.44
C THR A 184 6.56 1.05 -18.91
N ASP A 185 6.32 0.05 -19.77
CA ASP A 185 6.41 -1.38 -19.41
C ASP A 185 7.88 -1.73 -19.09
N ASP A 186 8.85 -0.89 -19.48
CA ASP A 186 10.32 -1.06 -19.22
C ASP A 186 10.76 -0.32 -17.94
N LEU A 187 9.81 0.27 -17.21
CA LEU A 187 9.97 0.96 -15.91
C LEU A 187 10.54 2.38 -16.04
N LYS A 188 10.74 2.86 -17.27
CA LYS A 188 11.14 4.26 -17.46
C LYS A 188 9.96 5.20 -17.16
N LEU A 189 10.26 6.45 -16.84
CA LEU A 189 9.24 7.51 -16.73
C LEU A 189 9.32 8.35 -17.99
N VAL A 190 8.18 8.59 -18.60
CA VAL A 190 8.10 9.31 -19.89
C VAL A 190 7.07 10.42 -19.81
N GLN A 191 7.27 11.40 -20.70
CA GLN A 191 6.29 12.45 -21.03
C GLN A 191 5.62 12.18 -22.38
N ARG A 192 4.32 12.43 -22.44
CA ARG A 192 3.58 12.65 -23.71
C ARG A 192 3.08 14.08 -23.70
N ALA A 193 2.92 14.62 -24.92
CA ALA A 193 2.69 16.06 -25.09
C ALA A 193 1.62 16.29 -26.12
N TYR A 194 0.75 17.26 -25.82
CA TYR A 194 -0.23 17.80 -26.77
C TYR A 194 0.00 19.30 -26.93
N ASP A 195 0.15 19.73 -28.20
CA ASP A 195 0.10 21.16 -28.55
C ASP A 195 -0.94 21.33 -29.64
N PRO A 196 -1.58 22.52 -29.74
CA PRO A 196 -2.70 22.67 -30.68
C PRO A 196 -2.35 22.53 -32.16
N HIS A 197 -1.09 22.71 -32.56
CA HIS A 197 -0.70 22.53 -33.99
C HIS A 197 -0.21 21.11 -34.27
N LYS A 198 0.38 20.44 -33.31
CA LYS A 198 1.02 19.12 -33.52
C LYS A 198 0.07 18.00 -33.04
N GLY A 199 -1.00 18.33 -32.31
CA GLY A 199 -1.79 17.30 -31.60
C GLY A 199 -0.95 16.59 -30.55
N TRP A 200 -1.18 15.32 -30.38
CA TRP A 200 -0.29 14.51 -29.53
C TRP A 200 0.97 14.23 -30.32
N TYR A 201 2.09 14.75 -29.84
CA TYR A 201 3.40 14.46 -30.46
C TYR A 201 3.55 12.95 -30.44
N PRO A 202 4.13 12.36 -31.48
CA PRO A 202 4.33 10.92 -31.51
C PRO A 202 5.31 10.40 -30.45
N ASP A 203 6.29 11.21 -30.07
N ASP A 203 6.31 11.21 -30.07
CA ASP A 203 7.47 10.77 -29.28
CA ASP A 203 7.46 10.72 -29.28
C ASP A 203 7.15 10.75 -27.78
C ASP A 203 7.15 10.75 -27.78
N LEU A 204 7.63 9.71 -27.11
CA LEU A 204 7.64 9.61 -25.64
C LEU A 204 9.02 10.15 -25.24
N VAL A 205 9.06 11.16 -24.39
CA VAL A 205 10.34 11.76 -23.95
C VAL A 205 10.65 11.14 -22.59
N THR A 206 11.79 10.50 -22.48
CA THR A 206 12.22 9.89 -21.21
C THR A 206 12.63 11.01 -20.25
N ILE A 207 12.04 11.00 -19.06
CA ILE A 207 12.44 11.93 -17.98
C ILE A 207 13.21 11.20 -16.89
N PHE A 208 13.09 9.89 -16.77
CA PHE A 208 13.93 9.14 -15.79
C PHE A 208 14.08 7.73 -16.31
N ASP A 209 15.29 7.18 -16.19
CA ASP A 209 15.61 5.91 -16.86
C ASP A 209 14.92 4.70 -16.22
N ARG A 210 14.79 4.67 -14.92
CA ARG A 210 14.24 3.47 -14.25
C ARG A 210 13.70 3.94 -12.90
N ALA A 211 12.45 3.63 -12.63
CA ALA A 211 11.81 4.00 -11.35
C ALA A 211 11.16 2.77 -10.76
N PRO A 212 10.83 2.79 -9.44
CA PRO A 212 10.16 1.63 -8.85
C PRO A 212 8.84 1.34 -9.54
N PRO A 213 8.43 0.07 -9.64
CA PRO A 213 7.18 -0.28 -10.30
C PRO A 213 6.01 0.39 -9.57
N ARG A 214 5.13 1.02 -10.36
CA ARG A 214 3.90 1.69 -9.89
C ARG A 214 4.21 2.88 -8.97
N THR A 215 5.38 3.45 -9.08
CA THR A 215 5.73 4.62 -8.27
C THR A 215 4.70 5.73 -8.48
N ALA A 216 4.44 6.53 -7.46
CA ALA A 216 3.62 7.73 -7.58
C ALA A 216 4.30 8.72 -8.54
N ILE A 217 3.47 9.44 -9.30
CA ILE A 217 3.91 10.47 -10.28
C ILE A 217 2.98 11.66 -10.14
N ALA A 218 3.50 12.86 -9.97
CA ALA A 218 2.68 14.07 -9.88
C ALA A 218 3.39 15.22 -10.58
N ALA A 219 2.63 16.11 -11.22
CA ALA A 219 3.30 17.16 -11.96
C ALA A 219 2.58 18.51 -11.86
N THR A 220 3.30 19.58 -12.14
CA THR A 220 2.73 20.93 -12.20
C THR A 220 3.45 21.71 -13.28
N SER A 221 2.86 22.80 -13.68
CA SER A 221 3.49 23.76 -14.59
C SER A 221 3.17 25.17 -14.10
N PHE A 222 3.99 26.12 -14.47
CA PHE A 222 3.83 27.52 -14.05
C PHE A 222 4.60 28.42 -15.01
N GLY A 223 4.24 29.68 -14.95
CA GLY A 223 4.98 30.77 -15.58
C GLY A 223 4.94 30.69 -17.10
N ALA A 224 3.81 30.30 -17.68
CA ALA A 224 3.70 30.30 -19.14
C ALA A 224 3.98 31.68 -19.70
N GLY A 225 4.76 31.71 -20.75
CA GLY A 225 5.02 32.93 -21.53
C GLY A 225 4.93 32.63 -23.03
N ASN A 226 5.67 33.42 -23.80
CA ASN A 226 5.67 33.25 -25.26
C ASN A 226 6.52 32.03 -25.61
N SER A 227 5.87 30.91 -25.95
CA SER A 227 6.53 29.64 -26.30
C SER A 227 7.49 29.23 -25.15
N SER A 228 7.12 29.54 -23.90
CA SER A 228 7.97 29.23 -22.74
C SER A 228 7.10 28.70 -21.61
N ILE A 229 7.68 27.75 -20.85
CA ILE A 229 6.96 27.12 -19.71
C ILE A 229 8.02 26.59 -18.75
N TYR A 230 7.56 26.40 -17.51
CA TYR A 230 8.33 25.77 -16.42
C TYR A 230 7.49 24.61 -15.92
N MET A 231 8.12 23.49 -15.64
CA MET A 231 7.34 22.31 -15.22
C MET A 231 8.16 21.59 -14.16
N ARG A 232 7.48 20.94 -13.25
CA ARG A 232 8.11 20.11 -12.22
C ARG A 232 7.36 18.78 -12.13
N ILE A 233 8.10 17.68 -12.14
CA ILE A 233 7.52 16.32 -12.02
C ILE A 233 8.15 15.66 -10.81
N TYR A 234 7.33 15.00 -10.04
CA TYR A 234 7.75 14.35 -8.78
C TYR A 234 7.42 12.86 -8.88
N PHE A 235 8.31 12.03 -8.34
CA PHE A 235 8.01 10.58 -8.23
C PHE A 235 8.73 10.06 -6.98
N VAL A 236 8.35 8.85 -6.58
CA VAL A 236 9.06 8.23 -5.44
C VAL A 236 10.10 7.27 -5.98
N ASN A 237 11.34 7.54 -5.62
CA ASN A 237 12.48 6.76 -6.14
C ASN A 237 12.76 5.55 -5.20
N SER A 238 13.68 4.73 -5.58
CA SER A 238 14.06 3.47 -4.91
C SER A 238 14.74 3.76 -3.56
N ASP A 239 15.15 5.00 -3.33
CA ASP A 239 15.76 5.46 -2.07
C ASP A 239 14.71 5.90 -1.05
N ASN A 240 13.45 5.67 -1.34
CA ASN A 240 12.33 6.05 -0.44
C ASN A 240 12.34 7.56 -0.23
N THR A 241 12.57 8.33 -1.29
CA THR A 241 12.46 9.77 -1.28
C THR A 241 11.65 10.18 -2.53
N ILE A 242 11.07 11.38 -2.43
CA ILE A 242 10.55 12.05 -3.65
C ILE A 242 11.73 12.68 -4.35
N TRP A 243 11.82 12.38 -5.66
CA TRP A 243 12.70 13.08 -6.60
C TRP A 243 11.88 14.06 -7.45
N GLN A 244 12.55 15.11 -7.86
CA GLN A 244 12.03 16.19 -8.72
C GLN A 244 12.80 16.17 -10.03
N VAL A 245 12.04 16.27 -11.12
CA VAL A 245 12.63 16.52 -12.45
C VAL A 245 12.16 17.89 -12.89
N CYS A 246 13.07 18.73 -13.35
CA CYS A 246 12.71 20.11 -13.73
C CYS A 246 12.73 20.29 -15.25
N TRP A 247 11.70 20.95 -15.78
CA TRP A 247 11.77 21.58 -17.11
C TRP A 247 11.88 23.08 -16.84
N ASP A 248 12.93 23.71 -17.32
CA ASP A 248 13.03 25.19 -17.24
C ASP A 248 13.23 25.71 -18.65
N HIS A 249 12.49 26.74 -19.01
CA HIS A 249 12.63 27.38 -20.34
C HIS A 249 14.10 27.69 -20.63
N GLY A 250 14.58 27.27 -21.79
CA GLY A 250 15.96 27.52 -22.22
C GLY A 250 16.96 26.48 -21.74
N LYS A 251 16.57 25.63 -20.81
CA LYS A 251 17.42 24.52 -20.34
C LYS A 251 16.81 23.15 -20.66
N GLY A 252 15.50 23.08 -20.85
CA GLY A 252 14.86 21.78 -21.07
C GLY A 252 14.83 20.97 -19.79
N TYR A 253 14.86 19.67 -19.90
CA TYR A 253 14.87 18.76 -18.75
C TYR A 253 16.27 18.71 -18.13
N HIS A 254 16.35 19.01 -16.83
CA HIS A 254 17.59 19.05 -16.05
C HIS A 254 17.27 19.02 -14.56
N ASP A 255 18.26 19.16 -13.71
CA ASP A 255 18.09 19.46 -12.28
C ASP A 255 17.28 18.32 -11.65
N LYS A 256 17.64 17.06 -11.93
CA LYS A 256 16.94 15.89 -11.37
C LYS A 256 17.62 15.56 -10.03
N GLY A 257 16.83 15.44 -8.98
CA GLY A 257 17.41 15.05 -7.69
C GLY A 257 16.37 14.89 -6.63
N THR A 258 16.84 14.42 -5.48
CA THR A 258 15.98 14.18 -4.33
C THR A 258 15.44 15.50 -3.77
N ILE A 259 14.25 15.39 -3.17
CA ILE A 259 13.55 16.51 -2.50
C ILE A 259 13.38 16.19 -1.02
N THR A 260 12.72 15.08 -0.69
CA THR A 260 12.39 14.84 0.74
C THR A 260 12.14 13.36 0.94
N PRO A 261 12.46 12.77 2.12
CA PRO A 261 12.12 11.39 2.35
C PRO A 261 10.62 11.15 2.52
N VAL A 262 10.20 9.96 2.17
CA VAL A 262 8.78 9.54 2.31
C VAL A 262 8.73 8.11 2.85
N ILE A 263 7.57 7.72 3.33
CA ILE A 263 7.32 6.31 3.63
C ILE A 263 7.46 5.49 2.35
N GLN A 264 7.82 4.24 2.47
CA GLN A 264 7.78 3.26 1.36
C GLN A 264 6.36 3.31 0.77
N GLY A 265 6.30 3.53 -0.55
CA GLY A 265 5.00 3.52 -1.26
C GLY A 265 4.14 4.79 -1.03
N SER A 266 4.67 5.90 -0.54
CA SER A 266 3.90 7.15 -0.38
C SER A 266 3.33 7.55 -1.74
N GLU A 267 2.14 8.11 -1.68
CA GLU A 267 1.59 8.86 -2.83
C GLU A 267 2.05 10.32 -2.73
N VAL A 268 1.79 11.10 -3.76
CA VAL A 268 2.34 12.46 -3.89
C VAL A 268 1.34 13.36 -4.58
N ALA A 269 1.22 14.59 -4.13
CA ALA A 269 0.48 15.64 -4.85
C ALA A 269 1.30 16.91 -4.86
N ILE A 270 1.09 17.73 -5.91
CA ILE A 270 1.83 19.01 -6.10
C ILE A 270 0.83 20.06 -6.57
N ILE A 271 0.94 21.24 -6.06
CA ILE A 271 0.28 22.46 -6.58
C ILE A 271 1.35 23.54 -6.72
N SER A 272 1.03 24.55 -7.52
CA SER A 272 1.97 25.68 -7.71
C SER A 272 1.16 26.96 -8.04
N TRP A 273 1.83 28.10 -7.90
CA TRP A 273 1.26 29.38 -8.36
C TRP A 273 2.37 30.38 -8.57
N GLY A 274 2.07 31.43 -9.33
CA GLY A 274 3.01 32.52 -9.52
C GLY A 274 4.12 32.19 -10.50
N SER A 275 5.20 32.97 -10.47
CA SER A 275 6.22 32.87 -11.54
C SER A 275 7.52 33.50 -11.05
N PHE A 276 8.64 33.10 -11.66
CA PHE A 276 10.00 33.61 -11.34
C PHE A 276 9.98 35.12 -11.55
N ALA A 277 9.25 35.55 -12.56
CA ALA A 277 9.11 36.97 -12.94
C ALA A 277 8.42 37.81 -11.87
N ASN A 278 7.60 37.27 -10.97
CA ASN A 278 6.84 38.09 -9.97
C ASN A 278 6.97 37.58 -8.53
N ASN A 279 8.19 37.42 -7.99
CA ASN A 279 8.48 36.99 -6.59
C ASN A 279 7.84 35.63 -6.30
N GLY A 280 7.85 34.77 -7.30
CA GLY A 280 7.43 33.37 -7.17
C GLY A 280 8.45 32.51 -7.87
N PRO A 281 8.11 31.27 -8.23
CA PRO A 281 6.82 30.71 -7.93
C PRO A 281 6.73 30.20 -6.49
N ASP A 282 5.58 29.68 -6.15
CA ASP A 282 5.33 28.88 -4.94
C ASP A 282 5.01 27.45 -5.37
N LEU A 283 5.56 26.50 -4.64
CA LEU A 283 5.25 25.07 -4.79
C LEU A 283 4.78 24.55 -3.44
N ARG A 284 3.82 23.62 -3.45
CA ARG A 284 3.48 22.87 -2.22
C ARG A 284 3.35 21.41 -2.63
N LEU A 285 4.07 20.53 -1.95
CA LEU A 285 4.06 19.08 -2.19
C LEU A 285 3.43 18.40 -0.96
N TYR A 286 2.63 17.38 -1.15
CA TYR A 286 1.96 16.64 -0.08
C TYR A 286 2.27 15.17 -0.26
N PHE A 287 2.49 14.48 0.85
CA PHE A 287 2.98 13.09 0.88
C PHE A 287 2.89 12.55 2.31
N GLN A 288 3.25 11.30 2.51
CA GLN A 288 3.40 10.72 3.85
C GLN A 288 4.88 10.47 4.10
N ASN A 289 5.42 11.00 5.20
CA ASN A 289 6.83 10.72 5.56
C ASN A 289 6.94 10.05 6.93
N GLY A 290 5.82 9.61 7.51
CA GLY A 290 5.86 8.94 8.81
C GLY A 290 5.62 9.88 9.96
N THR A 291 5.30 11.14 9.73
CA THR A 291 4.90 12.08 10.80
C THR A 291 3.63 11.57 11.46
N TYR A 292 3.67 11.37 12.76
CA TYR A 292 2.55 10.76 13.54
C TYR A 292 2.14 9.42 12.90
N ILE A 293 3.11 8.72 12.28
CA ILE A 293 2.98 7.45 11.55
C ILE A 293 2.27 7.68 10.22
N SER A 294 1.04 8.14 10.24
CA SER A 294 0.16 8.12 9.05
C SER A 294 -0.33 9.51 8.66
N ALA A 295 0.14 10.59 9.24
CA ALA A 295 -0.26 11.95 8.83
C ALA A 295 0.29 12.26 7.43
N VAL A 296 -0.43 13.17 6.78
CA VAL A 296 0.05 13.80 5.54
C VAL A 296 0.90 15.02 5.92
N SER A 297 2.07 15.14 5.30
CA SER A 297 2.99 16.26 5.51
C SER A 297 3.11 17.14 4.25
N GLU A 298 3.70 18.29 4.41
CA GLU A 298 3.85 19.29 3.34
C GLU A 298 5.32 19.69 3.19
N TRP A 299 5.74 19.88 1.95
CA TRP A 299 7.02 20.53 1.59
C TRP A 299 6.70 21.80 0.83
N VAL A 300 7.50 22.82 1.05
CA VAL A 300 7.30 24.20 0.53
C VAL A 300 8.49 24.60 -0.33
N TRP A 301 8.20 25.28 -1.44
CA TRP A 301 9.21 26.10 -2.11
C TRP A 301 8.64 27.49 -2.26
N ASN A 302 9.39 28.48 -1.84
CA ASN A 302 9.05 29.90 -2.11
C ASN A 302 10.30 30.74 -2.31
N ARG A 303 10.12 31.98 -2.69
CA ARG A 303 11.25 32.90 -2.94
C ARG A 303 11.82 33.33 -1.59
N ALA A 304 11.01 33.40 -0.54
CA ALA A 304 11.47 33.96 0.75
C ALA A 304 12.55 33.07 1.37
N HIS A 305 12.36 31.74 1.40
N HIS A 305 12.36 31.75 1.39
CA HIS A 305 13.30 30.83 2.08
CA HIS A 305 13.28 30.83 2.11
C HIS A 305 13.66 29.60 1.25
C HIS A 305 13.66 29.60 1.26
N GLY A 306 13.18 29.48 0.02
CA GLY A 306 13.50 28.30 -0.80
C GLY A 306 12.83 27.06 -0.28
N SER A 307 13.51 25.91 -0.46
N SER A 307 13.46 25.90 -0.47
CA SER A 307 13.01 24.55 -0.09
CA SER A 307 12.86 24.59 -0.12
C SER A 307 12.96 24.44 1.44
C SER A 307 12.94 24.41 1.40
N GLN A 308 11.82 24.04 1.99
CA GLN A 308 11.79 23.62 3.41
C GLN A 308 10.54 22.81 3.66
N LEU A 309 10.59 22.00 4.70
CA LEU A 309 9.38 21.31 5.15
C LEU A 309 8.40 22.38 5.66
N GLY A 310 7.12 22.18 5.32
CA GLY A 310 6.03 23.04 5.76
C GLY A 310 5.25 22.41 6.89
N ARG A 311 3.93 22.42 6.79
CA ARG A 311 3.06 21.85 7.84
C ARG A 311 3.44 20.39 8.05
N SER A 312 3.81 20.01 9.29
CA SER A 312 4.32 18.63 9.50
C SER A 312 3.18 17.58 9.44
N ALA A 313 1.97 17.98 9.83
CA ALA A 313 0.84 17.05 9.86
C ALA A 313 -0.44 17.82 9.56
N LEU A 314 -0.98 17.57 8.39
CA LEU A 314 -2.22 18.26 7.99
C LEU A 314 -3.35 17.81 8.88
N PRO A 315 -4.41 18.62 8.98
CA PRO A 315 -5.67 18.20 9.59
C PRO A 315 -6.13 16.89 8.96
N PRO A 316 -6.64 15.90 9.70
CA PRO A 316 -7.10 16.03 11.08
C PRO A 316 -6.02 15.72 12.12
N ALA A 317 -4.77 15.55 11.69
CA ALA A 317 -3.69 15.09 12.60
C ALA A 317 -3.17 16.16 13.54
N GLY B 1 2.38 -9.86 -22.72
CA GLY B 1 3.01 -8.52 -22.45
C GLY B 1 4.49 -8.58 -22.10
N HIS B 2 5.10 -7.41 -21.96
CA HIS B 2 6.54 -7.30 -21.64
C HIS B 2 6.78 -7.67 -20.18
N MET B 3 6.00 -7.13 -19.26
CA MET B 3 6.42 -7.33 -17.86
C MET B 3 5.26 -7.75 -16.98
N SER B 4 4.14 -8.24 -17.49
CA SER B 4 3.07 -8.78 -16.62
C SER B 4 2.22 -9.80 -17.37
N THR B 5 1.26 -10.38 -16.65
CA THR B 5 0.31 -11.35 -17.22
C THR B 5 -1.04 -10.99 -16.66
N PRO B 6 -2.15 -11.42 -17.32
CA PRO B 6 -3.46 -11.17 -16.76
C PRO B 6 -3.59 -11.74 -15.34
N GLY B 7 -3.00 -12.91 -15.11
CA GLY B 7 -3.11 -13.53 -13.78
C GLY B 7 -2.35 -12.70 -12.75
N ALA B 8 -1.16 -12.23 -13.06
CA ALA B 8 -0.39 -11.41 -12.10
C ALA B 8 -1.12 -10.12 -11.79
N GLN B 9 -1.81 -9.57 -12.78
CA GLN B 9 -2.56 -8.33 -12.62
C GLN B 9 -3.75 -8.50 -11.65
N GLN B 10 -4.15 -9.74 -11.37
CA GLN B 10 -5.26 -10.00 -10.41
C GLN B 10 -4.77 -9.93 -8.95
N VAL B 11 -3.48 -9.97 -8.72
CA VAL B 11 -2.93 -9.94 -7.33
C VAL B 11 -2.90 -8.49 -6.88
N LEU B 12 -3.43 -8.19 -5.69
CA LEU B 12 -3.40 -6.84 -5.16
C LEU B 12 -1.97 -6.42 -4.84
N PHE B 13 -1.58 -5.24 -5.26
CA PHE B 13 -0.26 -4.68 -4.91
C PHE B 13 -0.22 -4.43 -3.41
N ARG B 14 0.83 -4.95 -2.76
CA ARG B 14 1.00 -4.90 -1.29
C ARG B 14 -0.08 -5.71 -0.59
N THR B 15 -0.55 -6.74 -1.25
CA THR B 15 -1.48 -7.73 -0.64
C THR B 15 -0.91 -8.28 0.66
N GLY B 16 -1.80 -8.51 1.60
CA GLY B 16 -1.44 -9.39 2.73
C GLY B 16 -1.11 -10.77 2.20
N ILE B 17 -0.20 -11.49 2.85
CA ILE B 17 0.21 -12.85 2.40
C ILE B 17 0.28 -13.74 3.65
N ALA B 18 -0.20 -14.94 3.51
CA ALA B 18 -0.02 -15.95 4.55
C ALA B 18 0.26 -17.29 3.92
N ALA B 19 0.84 -18.22 4.65
CA ALA B 19 1.14 -19.53 4.09
C ALA B 19 1.05 -20.58 5.18
N VAL B 20 0.66 -21.76 4.78
CA VAL B 20 0.67 -22.95 5.68
C VAL B 20 1.25 -24.13 4.91
N ASN B 21 1.57 -25.19 5.61
CA ASN B 21 2.22 -26.35 4.98
C ASN B 21 2.06 -27.60 5.85
N SER B 22 2.18 -28.74 5.18
CA SER B 22 2.58 -30.01 5.81
C SER B 22 3.84 -30.43 5.04
N THR B 23 5.00 -30.40 5.69
CA THR B 23 6.33 -30.45 5.04
C THR B 23 6.24 -29.65 3.73
N ASN B 24 6.51 -30.29 2.59
CA ASN B 24 6.65 -29.58 1.30
C ASN B 24 5.31 -29.54 0.54
N HIS B 25 4.17 -29.75 1.20
CA HIS B 25 2.80 -29.56 0.66
C HIS B 25 2.34 -28.19 1.12
N LEU B 26 2.24 -27.20 0.21
CA LEU B 26 2.17 -25.78 0.59
C LEU B 26 0.84 -25.18 0.15
N ARG B 27 0.39 -24.20 0.91
CA ARG B 27 -0.76 -23.36 0.55
C ARG B 27 -0.35 -21.92 0.82
N VAL B 28 -0.67 -21.01 -0.10
CA VAL B 28 -0.34 -19.58 0.04
C VAL B 28 -1.62 -18.82 -0.23
N TYR B 29 -1.94 -17.90 0.67
CA TYR B 29 -3.16 -17.08 0.63
C TYR B 29 -2.78 -15.64 0.36
N PHE B 30 -3.60 -15.00 -0.49
CA PHE B 30 -3.37 -13.58 -0.81
C PHE B 30 -4.70 -12.98 -1.19
N GLN B 31 -4.71 -11.68 -1.37
CA GLN B 31 -5.94 -10.96 -1.74
C GLN B 31 -5.82 -10.52 -3.21
N ASP B 32 -6.90 -10.70 -3.94
CA ASP B 32 -6.98 -10.23 -5.33
C ASP B 32 -7.43 -8.79 -5.34
N VAL B 33 -7.39 -8.18 -6.50
CA VAL B 33 -7.73 -6.75 -6.62
C VAL B 33 -9.21 -6.46 -6.33
N TYR B 34 -10.07 -7.48 -6.29
CA TYR B 34 -11.50 -7.28 -5.98
C TYR B 34 -11.79 -7.54 -4.50
N GLY B 35 -10.79 -7.93 -3.75
CA GLY B 35 -10.92 -8.14 -2.30
C GLY B 35 -11.12 -9.58 -1.90
N SER B 36 -11.21 -10.52 -2.82
CA SER B 36 -11.39 -11.96 -2.54
C SER B 36 -10.05 -12.50 -2.07
N ILE B 37 -10.12 -13.42 -1.11
CA ILE B 37 -8.93 -14.16 -0.66
C ILE B 37 -8.84 -15.46 -1.46
N ARG B 38 -7.72 -15.66 -2.12
CA ARG B 38 -7.48 -16.84 -2.97
C ARG B 38 -6.37 -17.72 -2.37
N GLU B 39 -6.38 -18.95 -2.78
CA GLU B 39 -5.39 -19.95 -2.35
C GLU B 39 -4.62 -20.48 -3.57
N SER B 40 -3.31 -20.33 -3.53
CA SER B 40 -2.41 -21.03 -4.47
C SER B 40 -1.89 -22.28 -3.77
N LEU B 41 -1.55 -23.31 -4.50
CA LEU B 41 -1.11 -24.54 -3.85
C LEU B 41 0.08 -25.17 -4.54
N TYR B 42 0.87 -25.86 -3.75
CA TYR B 42 2.02 -26.65 -4.23
C TYR B 42 1.83 -28.07 -3.76
N GLU B 43 1.52 -28.96 -4.70
CA GLU B 43 1.45 -30.42 -4.52
C GLU B 43 2.33 -31.02 -5.62
N GLY B 44 3.65 -30.95 -5.43
CA GLY B 44 4.65 -31.37 -6.42
C GLY B 44 4.82 -30.34 -7.55
N SER B 45 3.88 -29.41 -7.67
CA SER B 45 3.92 -28.32 -8.66
C SER B 45 2.93 -27.25 -8.24
N TRP B 46 3.12 -26.04 -8.71
CA TRP B 46 2.30 -24.88 -8.34
C TRP B 46 1.02 -24.87 -9.18
N ALA B 47 -0.08 -24.57 -8.53
CA ALA B 47 -1.40 -24.49 -9.17
C ALA B 47 -2.30 -23.50 -8.44
N ASN B 48 -3.44 -23.21 -9.08
CA ASN B 48 -4.62 -22.53 -8.51
C ASN B 48 -4.37 -21.02 -8.40
N GLY B 49 -4.84 -20.36 -7.35
CA GLY B 49 -4.71 -18.91 -7.23
C GLY B 49 -5.67 -18.17 -8.15
N THR B 50 -6.68 -18.83 -8.72
CA THR B 50 -7.63 -18.15 -9.63
C THR B 50 -8.94 -17.79 -8.94
N GLU B 51 -9.88 -17.18 -9.67
N GLU B 51 -9.87 -17.16 -9.67
CA GLU B 51 -11.21 -16.82 -9.14
CA GLU B 51 -11.23 -16.81 -9.20
C GLU B 51 -11.96 -18.08 -8.72
C GLU B 51 -11.96 -18.07 -8.72
N LYS B 52 -11.57 -19.24 -9.25
CA LYS B 52 -12.18 -20.54 -8.89
C LYS B 52 -11.63 -21.03 -7.54
N ASN B 53 -10.59 -20.37 -7.00
CA ASN B 53 -9.88 -20.81 -5.77
C ASN B 53 -10.02 -19.75 -4.67
N VAL B 54 -11.20 -19.16 -4.58
CA VAL B 54 -11.56 -18.12 -3.61
C VAL B 54 -12.11 -18.83 -2.38
N ILE B 55 -11.64 -18.40 -1.22
CA ILE B 55 -12.13 -18.98 0.06
C ILE B 55 -12.99 -17.99 0.83
N GLY B 56 -13.12 -16.76 0.37
CA GLY B 56 -13.90 -15.74 1.06
C GLY B 56 -13.48 -14.38 0.62
N ASN B 57 -14.13 -13.36 1.17
CA ASN B 57 -13.91 -11.93 0.83
C ASN B 57 -13.53 -11.20 2.12
N ALA B 58 -12.71 -10.18 1.99
CA ALA B 58 -12.29 -9.31 3.09
C ALA B 58 -12.22 -7.87 2.62
N LYS B 59 -12.12 -6.92 3.52
CA LYS B 59 -11.94 -5.50 3.16
C LYS B 59 -10.68 -5.39 2.30
N LEU B 60 -10.74 -4.53 1.32
CA LEU B 60 -9.55 -4.27 0.48
C LEU B 60 -8.42 -3.77 1.38
N GLY B 61 -7.29 -4.40 1.20
CA GLY B 61 -6.09 -4.06 1.98
C GLY B 61 -6.03 -4.78 3.31
N SER B 62 -6.90 -5.76 3.52
CA SER B 62 -6.96 -6.47 4.82
C SER B 62 -5.61 -7.08 5.12
N PRO B 63 -5.23 -7.23 6.40
CA PRO B 63 -4.23 -8.20 6.76
C PRO B 63 -4.74 -9.60 6.40
N VAL B 64 -3.79 -10.53 6.21
CA VAL B 64 -4.10 -11.93 5.90
C VAL B 64 -3.15 -12.76 6.74
N ALA B 65 -3.73 -13.59 7.62
CA ALA B 65 -2.95 -14.49 8.49
C ALA B 65 -3.51 -15.89 8.35
N ALA B 66 -2.66 -16.89 8.55
CA ALA B 66 -3.12 -18.28 8.46
C ALA B 66 -2.28 -19.15 9.36
N THR B 67 -2.92 -20.22 9.83
CA THR B 67 -2.23 -21.24 10.65
C THR B 67 -2.90 -22.57 10.35
N SER B 68 -2.16 -23.66 10.59
CA SER B 68 -2.69 -24.99 10.28
C SER B 68 -2.20 -26.05 11.24
N LYS B 69 -2.92 -27.16 11.24
CA LYS B 69 -2.46 -28.45 11.79
C LYS B 69 -2.21 -29.33 10.56
N GLU B 70 -0.96 -29.39 10.11
CA GLU B 70 -0.61 -29.97 8.80
C GLU B 70 -1.54 -29.36 7.77
N LEU B 71 -2.18 -30.17 6.91
CA LEU B 71 -3.21 -29.58 6.03
C LEU B 71 -4.56 -30.20 6.35
N LYS B 72 -4.70 -30.74 7.56
CA LYS B 72 -5.99 -31.32 8.01
C LYS B 72 -6.93 -30.21 8.49
N HIS B 73 -6.38 -29.19 9.15
CA HIS B 73 -7.16 -28.03 9.64
C HIS B 73 -6.41 -26.77 9.28
N ILE B 74 -7.05 -25.89 8.51
CA ILE B 74 -6.44 -24.59 8.13
C ILE B 74 -7.40 -23.52 8.60
N ARG B 75 -6.86 -22.41 9.10
CA ARG B 75 -7.67 -21.24 9.51
C ARG B 75 -7.01 -20.02 8.92
N VAL B 76 -7.81 -19.21 8.22
CA VAL B 76 -7.32 -17.98 7.59
C VAL B 76 -8.10 -16.80 8.18
N TYR B 77 -7.37 -15.77 8.60
CA TYR B 77 -7.92 -14.63 9.35
C TYR B 77 -7.72 -13.33 8.58
N THR B 78 -8.80 -12.58 8.50
CA THR B 78 -8.84 -11.28 7.81
C THR B 78 -9.81 -10.34 8.50
N LEU B 79 -9.92 -9.12 8.04
CA LEU B 79 -10.89 -8.13 8.54
C LEU B 79 -12.07 -7.99 7.60
N THR B 80 -13.24 -7.88 8.19
CA THR B 80 -14.48 -7.51 7.48
C THR B 80 -14.44 -6.02 7.13
N GLU B 81 -15.38 -5.60 6.32
CA GLU B 81 -15.59 -4.18 6.02
C GLU B 81 -15.89 -3.40 7.30
N GLY B 82 -16.50 -4.04 8.31
CA GLY B 82 -16.77 -3.40 9.61
C GLY B 82 -15.62 -3.49 10.59
N ASN B 83 -14.43 -3.89 10.13
CA ASN B 83 -13.21 -3.98 10.98
C ASN B 83 -13.48 -4.92 12.15
N THR B 84 -14.16 -6.03 11.88
CA THR B 84 -14.22 -7.14 12.85
C THR B 84 -13.33 -8.25 12.34
N LEU B 85 -12.76 -9.03 13.28
CA LEU B 85 -12.03 -10.26 12.91
C LEU B 85 -12.98 -11.28 12.27
N GLN B 86 -12.53 -11.95 11.23
CA GLN B 86 -13.27 -13.09 10.65
C GLN B 86 -12.29 -14.21 10.28
N GLU B 87 -12.84 -15.37 10.02
CA GLU B 87 -12.11 -16.64 9.87
C GLU B 87 -12.74 -17.44 8.73
N PHE B 88 -11.91 -17.91 7.82
CA PHE B 88 -12.26 -18.92 6.84
C PHE B 88 -11.60 -20.19 7.31
N ALA B 89 -12.38 -21.24 7.45
CA ALA B 89 -11.91 -22.52 8.02
C ALA B 89 -12.00 -23.63 6.99
N TYR B 90 -10.99 -24.49 6.98
CA TYR B 90 -10.93 -25.73 6.19
C TYR B 90 -10.71 -26.87 7.15
N ASP B 91 -11.54 -27.86 7.08
CA ASP B 91 -11.24 -29.17 7.72
C ASP B 91 -11.34 -30.26 6.67
N SER B 92 -10.37 -31.17 6.67
N SER B 92 -10.38 -31.18 6.68
CA SER B 92 -10.39 -32.31 5.73
CA SER B 92 -10.40 -32.36 5.78
C SER B 92 -11.74 -33.04 5.93
C SER B 92 -11.72 -33.08 5.94
N GLY B 93 -12.43 -33.34 4.84
CA GLY B 93 -13.72 -34.04 4.85
C GLY B 93 -14.90 -33.07 4.88
N THR B 94 -14.67 -31.79 5.13
CA THR B 94 -15.73 -30.77 5.19
C THR B 94 -15.51 -29.72 4.11
N GLY B 95 -14.26 -29.33 3.90
CA GLY B 95 -13.92 -28.24 3.02
C GLY B 95 -13.94 -26.89 3.71
N TRP B 96 -14.09 -25.83 2.95
CA TRP B 96 -14.07 -24.45 3.43
C TRP B 96 -15.46 -24.01 3.89
N TYR B 97 -15.47 -23.22 4.95
CA TYR B 97 -16.69 -22.64 5.51
C TYR B 97 -16.30 -21.39 6.28
N ASN B 98 -17.30 -20.57 6.56
N ASN B 98 -17.28 -20.54 6.53
CA ASN B 98 -17.09 -19.37 7.39
CA ASN B 98 -17.09 -19.34 7.38
C ASN B 98 -17.02 -19.83 8.85
C ASN B 98 -17.00 -19.84 8.82
N GLY B 99 -15.87 -19.59 9.47
CA GLY B 99 -15.64 -20.01 10.86
C GLY B 99 -16.41 -19.16 11.84
N GLY B 100 -16.46 -19.64 13.07
CA GLY B 100 -17.22 -19.02 14.18
C GLY B 100 -16.66 -17.69 14.64
N LEU B 101 -15.43 -17.32 14.27
CA LEU B 101 -14.84 -16.10 14.84
C LEU B 101 -15.68 -14.87 14.51
N GLY B 102 -16.18 -14.76 13.27
CA GLY B 102 -16.88 -13.53 12.87
C GLY B 102 -18.12 -13.26 13.74
N GLY B 103 -18.75 -14.31 14.23
CA GLY B 103 -19.96 -14.19 15.04
C GLY B 103 -19.67 -13.50 16.36
N ALA B 104 -18.42 -13.52 16.86
CA ALA B 104 -18.06 -12.84 18.14
C ALA B 104 -17.99 -11.31 17.92
N LYS B 105 -17.86 -10.83 16.67
CA LYS B 105 -17.85 -9.38 16.36
C LYS B 105 -16.78 -8.66 17.19
N PHE B 106 -15.58 -9.19 17.20
CA PHE B 106 -14.45 -8.51 17.86
C PHE B 106 -14.05 -7.33 16.96
N GLN B 107 -14.27 -6.15 17.45
CA GLN B 107 -13.92 -4.89 16.75
C GLN B 107 -12.45 -4.60 17.01
N VAL B 108 -11.71 -4.34 15.95
CA VAL B 108 -10.30 -3.97 16.06
C VAL B 108 -10.08 -2.63 15.35
N ALA B 109 -8.90 -2.07 15.50
CA ALA B 109 -8.53 -0.82 14.80
C ALA B 109 -8.62 -1.10 13.29
N PRO B 110 -9.07 -0.11 12.48
CA PRO B 110 -9.09 -0.31 11.04
C PRO B 110 -7.75 -0.69 10.42
N TYR B 111 -6.69 -0.22 11.04
CA TYR B 111 -5.30 -0.43 10.59
C TYR B 111 -4.70 -1.67 11.28
N SER B 112 -5.49 -2.46 12.00
CA SER B 112 -4.92 -3.64 12.68
C SER B 112 -4.31 -4.65 11.71
N CYS B 113 -3.22 -5.28 12.13
CA CYS B 113 -2.75 -6.52 11.54
C CYS B 113 -3.27 -7.70 12.36
N ILE B 114 -2.96 -8.91 11.93
CA ILE B 114 -3.42 -10.15 12.58
C ILE B 114 -2.27 -11.13 12.56
N ALA B 115 -2.09 -11.86 13.65
CA ALA B 115 -1.26 -13.07 13.67
C ALA B 115 -2.09 -14.18 14.27
N ALA B 116 -1.80 -15.41 13.92
CA ALA B 116 -2.60 -16.56 14.38
C ALA B 116 -1.70 -17.76 14.59
N VAL B 117 -1.98 -18.55 15.63
CA VAL B 117 -1.28 -19.83 15.83
C VAL B 117 -2.26 -20.87 16.37
N PHE B 118 -2.14 -22.09 15.92
CA PHE B 118 -2.57 -23.28 16.69
C PHE B 118 -1.49 -23.54 17.76
N LEU B 119 -1.92 -23.78 18.99
CA LEU B 119 -0.93 -24.13 20.05
C LEU B 119 -0.28 -25.47 19.72
N ALA B 120 1.03 -25.52 19.87
CA ALA B 120 1.85 -26.69 19.49
C ALA B 120 1.69 -27.84 20.46
N GLY B 121 1.90 -29.04 19.94
CA GLY B 121 2.18 -30.21 20.79
C GLY B 121 0.94 -30.82 21.38
N THR B 122 -0.20 -30.52 20.81
CA THR B 122 -1.47 -31.14 21.24
C THR B 122 -2.30 -31.51 20.02
N ASP B 123 -3.08 -32.56 20.15
CA ASP B 123 -4.01 -32.98 19.06
C ASP B 123 -5.25 -32.09 19.15
N ALA B 124 -5.52 -31.48 20.31
CA ALA B 124 -6.70 -30.59 20.47
C ALA B 124 -6.48 -29.38 19.56
N LEU B 125 -7.56 -28.78 19.08
CA LEU B 125 -7.45 -27.52 18.30
C LEU B 125 -7.63 -26.41 19.32
N GLN B 126 -6.52 -25.72 19.62
N GLN B 126 -6.52 -25.74 19.61
CA GLN B 126 -6.51 -24.52 20.47
CA GLN B 126 -6.51 -24.52 20.44
C GLN B 126 -5.87 -23.38 19.67
C GLN B 126 -5.88 -23.40 19.64
N LEU B 127 -6.58 -22.28 19.50
CA LEU B 127 -6.13 -21.14 18.68
C LEU B 127 -5.87 -19.89 19.51
N ARG B 128 -4.85 -19.14 19.16
CA ARG B 128 -4.57 -17.81 19.71
C ARG B 128 -4.44 -16.90 18.52
N ILE B 129 -5.22 -15.83 18.51
CA ILE B 129 -5.23 -14.79 17.46
C ILE B 129 -4.76 -13.52 18.15
N TYR B 130 -3.99 -12.70 17.47
CA TYR B 130 -3.44 -11.45 18.00
C TYR B 130 -3.84 -10.34 17.02
N ALA B 131 -4.38 -9.30 17.53
CA ALA B 131 -4.76 -8.12 16.72
C ALA B 131 -4.66 -6.86 17.55
N GLN B 132 -4.93 -5.70 17.01
CA GLN B 132 -4.73 -4.41 17.66
C GLN B 132 -6.06 -3.72 17.83
N LYS B 133 -6.39 -3.39 19.07
CA LYS B 133 -7.64 -2.69 19.38
C LYS B 133 -7.53 -1.22 19.02
N PRO B 134 -8.67 -0.49 19.03
CA PRO B 134 -8.64 0.95 18.78
C PRO B 134 -7.76 1.77 19.73
N ASP B 135 -7.50 1.27 20.94
CA ASP B 135 -6.61 1.96 21.92
C ASP B 135 -5.14 1.60 21.70
N ASN B 136 -4.87 0.92 20.58
CA ASN B 136 -3.52 0.54 20.08
C ASN B 136 -2.91 -0.57 20.90
N THR B 137 -3.64 -1.19 21.82
CA THR B 137 -3.09 -2.37 22.50
C THR B 137 -3.22 -3.63 21.68
N ILE B 138 -2.33 -4.59 21.91
CA ILE B 138 -2.35 -5.92 21.25
C ILE B 138 -3.21 -6.81 22.10
N GLN B 139 -4.27 -7.35 21.57
CA GLN B 139 -5.20 -8.24 22.27
C GLN B 139 -5.08 -9.63 21.70
N GLU B 140 -5.03 -10.60 22.60
CA GLU B 140 -5.14 -12.03 22.28
C GLU B 140 -6.60 -12.44 22.31
N TYR B 141 -7.00 -13.28 21.39
CA TYR B 141 -8.35 -13.89 21.29
C TYR B 141 -8.14 -15.39 21.26
N MET B 142 -8.91 -16.15 22.02
CA MET B 142 -8.64 -17.57 22.21
C MET B 142 -9.84 -18.41 21.83
N TRP B 143 -9.55 -19.61 21.33
N TRP B 143 -9.56 -19.60 21.31
CA TRP B 143 -10.55 -20.67 21.11
CA TRP B 143 -10.53 -20.69 21.09
C TRP B 143 -10.00 -21.94 21.74
C TRP B 143 -9.97 -21.93 21.77
N ASN B 144 -10.71 -22.45 22.75
CA ASN B 144 -10.27 -23.65 23.52
C ASN B 144 -11.39 -24.69 23.50
N GLY B 145 -12.16 -24.75 22.45
CA GLY B 145 -13.13 -25.83 22.22
C GLY B 145 -14.55 -25.41 22.53
N ASP B 146 -14.77 -24.22 23.12
CA ASP B 146 -16.13 -23.84 23.60
C ASP B 146 -16.34 -22.36 23.38
N GLY B 147 -16.10 -21.91 22.16
CA GLY B 147 -16.34 -20.53 21.75
C GLY B 147 -15.14 -19.61 21.90
N TRP B 148 -15.21 -18.47 21.24
CA TRP B 148 -14.14 -17.48 21.26
C TRP B 148 -14.26 -16.57 22.48
N LYS B 149 -13.14 -16.24 23.09
CA LYS B 149 -13.06 -15.34 24.25
C LYS B 149 -11.83 -14.47 24.14
N GLU B 150 -11.85 -13.32 24.77
CA GLU B 150 -10.66 -12.50 24.93
C GLU B 150 -9.69 -13.24 25.85
N GLY B 151 -8.43 -13.29 25.45
CA GLY B 151 -7.33 -13.78 26.26
C GLY B 151 -6.58 -12.62 26.89
N THR B 152 -5.28 -12.73 26.94
CA THR B 152 -4.42 -11.71 27.56
C THR B 152 -4.30 -10.48 26.66
N ASN B 153 -4.28 -9.31 27.25
CA ASN B 153 -3.92 -8.05 26.57
C ASN B 153 -2.43 -7.80 26.79
N LEU B 154 -1.69 -7.62 25.70
CA LEU B 154 -0.21 -7.54 25.71
C LEU B 154 0.30 -6.10 25.66
N GLY B 155 -0.58 -5.10 25.86
CA GLY B 155 -0.13 -3.70 25.99
C GLY B 155 0.01 -2.97 24.66
N GLY B 156 0.55 -1.77 24.75
CA GLY B 156 0.58 -0.79 23.68
C GLY B 156 1.55 -1.20 22.60
N ALA B 157 1.22 -0.84 21.37
CA ALA B 157 2.12 -0.99 20.23
C ALA B 157 1.91 0.19 19.26
N LEU B 158 2.81 0.31 18.27
CA LEU B 158 2.65 1.35 17.25
C LEU B 158 1.33 1.11 16.54
N PRO B 159 0.55 2.18 16.27
CA PRO B 159 -0.69 1.98 15.51
C PRO B 159 -0.42 1.43 14.11
N GLY B 160 -0.96 0.25 13.85
CA GLY B 160 -0.81 -0.42 12.55
C GLY B 160 0.44 -1.26 12.47
N THR B 161 1.01 -1.59 13.62
CA THR B 161 2.15 -2.51 13.66
C THR B 161 1.83 -3.83 12.97
N GLY B 162 2.86 -4.38 12.32
CA GLY B 162 2.82 -5.79 11.93
C GLY B 162 2.80 -6.68 13.18
N ILE B 163 2.35 -7.90 13.06
CA ILE B 163 2.39 -8.86 14.22
C ILE B 163 2.85 -10.20 13.69
N GLY B 164 3.91 -10.72 14.27
CA GLY B 164 4.33 -12.10 13.97
C GLY B 164 4.13 -12.98 15.19
N ALA B 165 3.82 -14.25 14.99
CA ALA B 165 3.60 -15.17 16.13
C ALA B 165 4.01 -16.58 15.76
N THR B 166 4.45 -17.32 16.77
CA THR B 166 4.73 -18.74 16.62
C THR B 166 4.42 -19.46 17.95
N SER B 167 4.01 -20.70 17.83
CA SER B 167 3.89 -21.57 19.00
C SER B 167 4.76 -22.80 18.79
N PHE B 168 5.44 -23.23 19.86
CA PHE B 168 6.22 -24.47 19.86
C PHE B 168 6.06 -25.12 21.23
N ARG B 169 6.43 -26.38 21.33
CA ARG B 169 6.38 -27.07 22.63
C ARG B 169 7.73 -27.71 22.87
N TYR B 170 8.42 -27.21 23.88
CA TYR B 170 9.67 -27.87 24.29
C TYR B 170 9.35 -29.33 24.64
N THR B 171 10.26 -30.25 24.30
CA THR B 171 9.98 -31.70 24.52
C THR B 171 10.00 -32.10 26.01
N ASP B 172 10.54 -31.24 26.88
CA ASP B 172 10.58 -31.45 28.35
C ASP B 172 9.50 -30.66 29.06
N TYR B 173 8.69 -29.88 28.34
CA TYR B 173 7.59 -29.09 28.96
C TYR B 173 6.27 -29.85 28.84
N ASN B 174 5.33 -29.49 29.72
CA ASN B 174 4.00 -30.11 29.81
C ASN B 174 2.96 -29.31 29.06
N GLY B 175 3.37 -28.25 28.33
CA GLY B 175 2.42 -27.39 27.63
C GLY B 175 3.18 -26.50 26.67
N PRO B 176 2.42 -25.88 25.77
CA PRO B 176 2.97 -25.04 24.71
C PRO B 176 3.52 -23.70 25.20
N SER B 177 4.43 -23.15 24.40
CA SER B 177 5.00 -21.81 24.53
C SER B 177 4.48 -20.98 23.32
N ILE B 178 4.51 -19.68 23.50
CA ILE B 178 4.11 -18.72 22.44
C ILE B 178 5.15 -17.63 22.40
N ARG B 179 5.53 -17.16 21.19
CA ARG B 179 6.34 -15.95 21.07
C ARG B 179 5.60 -15.05 20.07
N ILE B 180 5.56 -13.77 20.35
CA ILE B 180 4.94 -12.83 19.39
C ILE B 180 5.89 -11.65 19.25
N TRP B 181 5.85 -11.02 18.05
CA TRP B 181 6.72 -9.88 17.75
C TRP B 181 5.87 -8.75 17.16
N PHE B 182 6.20 -7.54 17.54
CA PHE B 182 5.48 -6.35 17.03
C PHE B 182 6.40 -5.14 17.19
N GLN B 183 5.93 -4.00 16.73
CA GLN B 183 6.70 -2.76 16.76
C GLN B 183 6.11 -1.84 17.82
N THR B 184 6.97 -1.19 18.57
CA THR B 184 6.52 -0.22 19.56
C THR B 184 6.58 1.21 19.01
N ASP B 185 6.05 2.19 19.74
CA ASP B 185 5.95 3.60 19.29
C ASP B 185 7.32 4.19 18.94
N ASP B 186 8.38 3.69 19.56
CA ASP B 186 9.78 4.15 19.30
C ASP B 186 10.37 3.50 18.03
N LEU B 187 9.58 2.70 17.33
CA LEU B 187 9.89 2.04 16.04
C LEU B 187 10.79 0.82 16.19
N LYS B 188 11.12 0.46 17.44
CA LYS B 188 11.81 -0.81 17.68
C LYS B 188 10.90 -2.00 17.42
N LEU B 189 11.52 -3.15 17.10
CA LEU B 189 10.83 -4.43 17.00
C LEU B 189 11.14 -5.19 18.28
N VAL B 190 10.09 -5.68 18.90
CA VAL B 190 10.20 -6.37 20.20
C VAL B 190 9.50 -7.74 20.16
N GLN B 191 9.93 -8.60 21.10
CA GLN B 191 9.31 -9.90 21.37
C GLN B 191 8.57 -9.86 22.70
N ARG B 192 7.39 -10.49 22.72
CA ARG B 192 6.76 -10.89 24.00
C ARG B 192 6.65 -12.40 24.02
N ALA B 193 6.68 -12.96 25.23
CA ALA B 193 6.87 -14.43 25.39
C ALA B 193 5.93 -14.99 26.43
N TYR B 194 5.39 -16.15 26.13
CA TYR B 194 4.56 -16.96 27.04
C TYR B 194 5.22 -18.32 27.21
N ASP B 195 5.51 -18.67 28.46
CA ASP B 195 5.86 -20.07 28.82
C ASP B 195 4.90 -20.53 29.91
N PRO B 196 4.62 -21.85 30.02
CA PRO B 196 3.61 -22.31 30.98
C PRO B 196 3.91 -22.09 32.46
N HIS B 197 5.16 -21.90 32.86
CA HIS B 197 5.47 -21.61 34.30
C HIS B 197 5.53 -20.12 34.61
N LYS B 198 5.81 -19.29 33.61
CA LYS B 198 6.06 -17.86 33.80
C LYS B 198 4.87 -17.04 33.28
N GLY B 199 3.92 -17.68 32.61
CA GLY B 199 2.85 -16.93 31.88
C GLY B 199 3.47 -16.04 30.83
N TRP B 200 2.87 -14.88 30.63
CA TRP B 200 3.49 -13.85 29.80
C TRP B 200 4.59 -13.16 30.62
N TYR B 201 5.83 -13.35 30.21
CA TYR B 201 6.97 -12.65 30.83
C TYR B 201 6.72 -11.16 30.81
N PRO B 202 6.99 -10.41 31.89
CA PRO B 202 6.65 -9.00 31.93
C PRO B 202 7.44 -8.14 30.92
N ASP B 203 8.66 -8.52 30.60
CA ASP B 203 9.58 -7.63 29.85
C ASP B 203 9.43 -7.89 28.33
N LEU B 204 9.57 -6.80 27.59
CA LEU B 204 9.79 -6.79 26.13
C LEU B 204 11.27 -7.09 25.86
N VAL B 205 11.55 -7.93 24.88
CA VAL B 205 12.96 -8.14 24.44
C VAL B 205 13.13 -7.47 23.05
N THR B 206 14.05 -6.54 22.91
CA THR B 206 14.28 -5.88 21.62
C THR B 206 14.94 -6.86 20.64
N ILE B 207 14.39 -6.99 19.45
CA ILE B 207 15.05 -7.78 18.38
C ILE B 207 15.60 -6.90 17.27
N PHE B 208 15.14 -5.66 17.13
CA PHE B 208 15.71 -4.75 16.11
C PHE B 208 15.50 -3.32 16.60
N ASP B 209 16.54 -2.51 16.48
CA ASP B 209 16.62 -1.18 17.13
C ASP B 209 15.64 -0.21 16.49
N ARG B 210 15.44 -0.25 15.18
CA ARG B 210 14.60 0.74 14.48
C ARG B 210 14.22 0.15 13.12
N ALA B 211 12.94 0.11 12.83
CA ALA B 211 12.44 -0.43 11.57
C ALA B 211 11.45 0.59 11.00
N PRO B 212 11.13 0.48 9.68
CA PRO B 212 10.14 1.38 9.07
C PRO B 212 8.80 1.30 9.80
N PRO B 213 8.06 2.42 9.86
CA PRO B 213 6.75 2.39 10.52
C PRO B 213 5.80 1.44 9.81
N ARG B 214 5.12 0.58 10.56
CA ARG B 214 4.15 -0.42 10.09
C ARG B 214 4.79 -1.43 9.11
N THR B 215 6.08 -1.70 9.27
CA THR B 215 6.74 -2.71 8.46
C THR B 215 6.08 -4.06 8.70
N ALA B 216 6.05 -4.91 7.70
CA ALA B 216 5.60 -6.30 7.80
C ALA B 216 6.51 -7.06 8.77
N ILE B 217 5.92 -7.96 9.58
CA ILE B 217 6.65 -8.81 10.53
C ILE B 217 6.09 -10.22 10.41
N ALA B 218 6.96 -11.21 10.22
CA ALA B 218 6.51 -12.60 10.08
C ALA B 218 7.51 -13.51 10.79
N ALA B 219 7.05 -14.57 11.43
CA ALA B 219 7.97 -15.38 12.24
C ALA B 219 7.64 -16.86 12.09
N THR B 220 8.65 -17.70 12.36
CA THR B 220 8.51 -19.15 12.44
C THR B 220 9.41 -19.68 13.54
N SER B 221 9.15 -20.89 13.90
CA SER B 221 10.04 -21.63 14.82
C SER B 221 10.16 -23.07 14.33
N PHE B 222 11.22 -23.75 14.74
CA PHE B 222 11.46 -25.15 14.33
C PHE B 222 12.46 -25.77 15.33
N GLY B 223 12.52 -27.10 15.25
CA GLY B 223 13.55 -27.85 15.94
C GLY B 223 13.44 -27.83 17.46
N ALA B 224 12.23 -27.77 18.01
CA ALA B 224 12.02 -27.81 19.46
C ALA B 224 12.70 -29.04 20.04
N GLY B 225 13.40 -28.84 21.15
CA GLY B 225 14.00 -29.94 21.92
C GLY B 225 13.80 -29.70 23.41
N ASN B 226 14.70 -30.28 24.21
CA ASN B 226 14.66 -30.08 25.67
C ASN B 226 15.11 -28.66 25.99
N SER B 227 14.16 -27.80 26.32
CA SER B 227 14.43 -26.39 26.67
C SER B 227 15.23 -25.72 25.54
N SER B 228 14.97 -26.13 24.29
CA SER B 228 15.71 -25.57 23.12
C SER B 228 14.73 -25.29 21.98
N ILE B 229 15.02 -24.22 21.24
CA ILE B 229 14.19 -23.86 20.08
C ILE B 229 15.10 -23.09 19.13
N TYR B 230 14.62 -23.02 17.87
CA TYR B 230 15.18 -22.15 16.82
C TYR B 230 14.04 -21.27 16.31
N MET B 231 14.30 -19.99 16.10
CA MET B 231 13.24 -19.09 15.57
C MET B 231 13.85 -18.18 14.51
N ARG B 232 13.01 -17.74 13.59
CA ARG B 232 13.42 -16.77 12.56
C ARG B 232 12.29 -15.73 12.44
N ILE B 233 12.67 -14.48 12.49
CA ILE B 233 11.72 -13.35 12.32
C ILE B 233 12.18 -12.52 11.14
N TYR B 234 11.22 -12.15 10.32
CA TYR B 234 11.44 -11.41 9.06
C TYR B 234 10.68 -10.10 9.10
N PHE B 235 11.28 -9.07 8.56
CA PHE B 235 10.61 -7.75 8.45
C PHE B 235 11.17 -7.04 7.21
N VAL B 236 10.45 -6.04 6.78
CA VAL B 236 10.94 -5.22 5.65
C VAL B 236 11.69 -3.98 6.18
N ASN B 237 12.98 -3.90 5.84
CA ASN B 237 13.84 -2.82 6.34
C ASN B 237 13.79 -1.60 5.42
N SER B 238 14.41 -0.53 5.82
CA SER B 238 14.41 0.80 5.14
C SER B 238 15.14 0.71 3.80
N ASP B 239 15.91 -0.34 3.56
CA ASP B 239 16.62 -0.61 2.28
C ASP B 239 15.72 -1.35 1.30
N ASN B 240 14.45 -1.51 1.62
CA ASN B 240 13.49 -2.21 0.73
C ASN B 240 13.94 -3.64 0.48
N THR B 241 14.41 -4.29 1.57
CA THR B 241 14.71 -5.71 1.54
C THR B 241 14.11 -6.35 2.79
N ILE B 242 13.85 -7.63 2.68
CA ILE B 242 13.53 -8.45 3.89
C ILE B 242 14.83 -8.68 4.62
N TRP B 243 14.80 -8.39 5.92
CA TRP B 243 15.86 -8.78 6.87
C TRP B 243 15.36 -9.92 7.72
N GLN B 244 16.33 -10.69 8.21
CA GLN B 244 16.08 -11.86 9.08
C GLN B 244 16.78 -11.63 10.41
N VAL B 245 16.08 -11.96 11.49
CA VAL B 245 16.67 -12.02 12.83
C VAL B 245 16.61 -13.48 13.27
N CYS B 246 17.73 -14.00 13.78
CA CYS B 246 17.77 -15.42 14.20
C CYS B 246 17.82 -15.57 15.72
N TRP B 247 17.03 -16.53 16.21
CA TRP B 247 17.24 -17.11 17.55
C TRP B 247 17.80 -18.50 17.31
N ASP B 248 19.03 -18.75 17.79
CA ASP B 248 19.55 -20.13 17.74
C ASP B 248 19.84 -20.60 19.17
N HIS B 249 19.39 -21.80 19.49
CA HIS B 249 19.63 -22.39 20.82
C HIS B 249 21.12 -22.32 21.15
N GLY B 250 21.41 -21.84 22.36
CA GLY B 250 22.80 -21.75 22.82
C GLY B 250 23.50 -20.48 22.37
N LYS B 251 22.85 -19.65 21.54
N LYS B 251 22.84 -19.65 21.56
CA LYS B 251 23.46 -18.36 21.13
CA LYS B 251 23.45 -18.40 21.11
C LYS B 251 22.53 -17.20 21.49
C LYS B 251 22.55 -17.22 21.48
N GLY B 252 21.23 -17.38 21.31
CA GLY B 252 20.28 -16.28 21.52
C GLY B 252 20.00 -15.55 20.22
N TYR B 253 19.74 -14.26 20.32
CA TYR B 253 19.41 -13.42 19.17
C TYR B 253 20.71 -12.91 18.57
N HIS B 254 20.87 -13.11 17.25
CA HIS B 254 22.08 -12.74 16.49
C HIS B 254 21.82 -12.88 15.00
N ASP B 255 22.87 -12.65 14.19
CA ASP B 255 22.85 -13.02 12.75
C ASP B 255 21.74 -12.20 12.09
N LYS B 256 21.68 -10.92 12.36
CA LYS B 256 20.67 -10.00 11.76
C LYS B 256 21.23 -9.56 10.41
N GLY B 257 20.45 -9.72 9.33
CA GLY B 257 20.92 -9.25 8.03
C GLY B 257 19.89 -9.36 6.94
N THR B 258 20.26 -8.80 5.78
CA THR B 258 19.36 -8.83 4.62
C THR B 258 19.22 -10.25 4.07
N ILE B 259 18.08 -10.49 3.45
CA ILE B 259 17.76 -11.77 2.76
C ILE B 259 17.52 -11.51 1.26
N THR B 260 16.54 -10.69 0.89
CA THR B 260 16.17 -10.57 -0.54
C THR B 260 15.46 -9.25 -0.73
N PRO B 261 15.61 -8.58 -1.87
CA PRO B 261 14.88 -7.35 -2.14
C PRO B 261 13.36 -7.55 -2.29
N VAL B 262 12.61 -6.51 -1.95
CA VAL B 262 11.15 -6.52 -2.12
C VAL B 262 10.70 -5.17 -2.66
N ILE B 263 9.45 -5.13 -3.12
CA ILE B 263 8.86 -3.82 -3.43
C ILE B 263 8.73 -3.01 -2.14
N GLN B 264 8.72 -1.71 -2.25
CA GLN B 264 8.38 -0.81 -1.16
C GLN B 264 7.07 -1.28 -0.56
N GLY B 265 7.07 -1.48 0.76
CA GLY B 265 5.81 -1.84 1.48
C GLY B 265 5.34 -3.26 1.23
N SER B 266 6.16 -4.18 0.72
CA SER B 266 5.76 -5.58 0.60
C SER B 266 5.32 -6.18 1.94
N GLU B 267 4.33 -7.04 1.89
CA GLU B 267 4.01 -7.92 3.03
C GLU B 267 4.86 -9.18 2.91
N VAL B 268 4.89 -10.00 3.95
CA VAL B 268 5.81 -11.17 4.05
C VAL B 268 5.10 -12.32 4.76
N ALA B 269 5.31 -13.53 4.28
CA ALA B 269 4.91 -14.78 4.95
C ALA B 269 6.09 -15.73 5.00
N ILE B 270 6.14 -16.51 6.09
CA ILE B 270 7.20 -17.54 6.29
C ILE B 270 6.54 -18.86 6.68
N ILE B 271 7.07 -19.94 6.16
CA ILE B 271 6.75 -21.31 6.61
C ILE B 271 8.08 -22.04 6.76
N SER B 272 8.07 -23.07 7.61
CA SER B 272 9.28 -23.90 7.83
C SER B 272 8.88 -25.34 8.11
N TRP B 273 9.84 -26.24 7.93
CA TRP B 273 9.65 -27.65 8.34
C TRP B 273 11.00 -28.29 8.54
N GLY B 274 11.03 -29.30 9.37
CA GLY B 274 12.27 -30.07 9.63
C GLY B 274 13.13 -29.37 10.66
N SER B 275 14.42 -29.71 10.73
CA SER B 275 15.28 -29.22 11.83
C SER B 275 16.74 -29.44 11.46
N PHE B 276 17.63 -28.71 12.13
CA PHE B 276 19.09 -28.82 11.93
C PHE B 276 19.52 -30.26 12.18
N ALA B 277 18.90 -30.96 13.13
CA ALA B 277 19.31 -32.36 13.44
C ALA B 277 18.95 -33.38 12.32
N ASN B 278 17.93 -33.12 11.53
CA ASN B 278 17.41 -34.10 10.56
C ASN B 278 17.53 -33.49 9.16
N ASN B 279 18.68 -32.92 8.82
CA ASN B 279 19.01 -32.54 7.41
C ASN B 279 18.08 -31.42 6.91
N GLY B 280 17.69 -30.57 7.83
CA GLY B 280 16.83 -29.41 7.57
C GLY B 280 17.46 -28.24 8.28
N PRO B 281 16.69 -27.18 8.56
CA PRO B 281 15.29 -27.09 8.14
C PRO B 281 15.13 -26.68 6.68
N ASP B 282 13.89 -26.63 6.26
CA ASP B 282 13.49 -25.92 5.03
C ASP B 282 12.72 -24.65 5.41
N LEU B 283 13.05 -23.54 4.78
CA LEU B 283 12.33 -22.27 4.94
C LEU B 283 11.75 -21.85 3.60
N ARG B 284 10.58 -21.24 3.59
CA ARG B 284 10.04 -20.59 2.40
C ARG B 284 9.50 -19.23 2.82
N LEU B 285 9.92 -18.15 2.15
CA LEU B 285 9.36 -16.80 2.31
C LEU B 285 8.52 -16.48 1.08
N TYR B 286 7.43 -15.76 1.27
CA TYR B 286 6.56 -15.23 0.18
C TYR B 286 6.45 -13.74 0.40
N PHE B 287 6.45 -13.02 -0.75
CA PHE B 287 6.56 -11.55 -0.75
C PHE B 287 6.31 -11.06 -2.18
N GLN B 288 6.32 -9.74 -2.35
CA GLN B 288 6.30 -9.16 -3.72
C GLN B 288 7.64 -8.49 -3.94
N ASN B 289 8.30 -8.86 -5.06
CA ASN B 289 9.57 -8.18 -5.41
C ASN B 289 9.51 -7.49 -6.78
N GLY B 290 8.34 -7.41 -7.35
CA GLY B 290 8.15 -6.77 -8.66
C GLY B 290 8.14 -7.76 -9.81
N THR B 291 8.18 -9.05 -9.57
CA THR B 291 8.12 -10.04 -10.66
C THR B 291 6.73 -9.95 -11.29
N TYR B 292 6.66 -9.74 -12.64
CA TYR B 292 5.39 -9.49 -13.35
C TYR B 292 4.64 -8.32 -12.68
N ILE B 293 5.39 -7.38 -12.09
CA ILE B 293 4.92 -6.19 -11.35
C ILE B 293 4.32 -6.61 -10.01
N SER B 294 3.25 -7.38 -10.02
CA SER B 294 2.40 -7.62 -8.84
C SER B 294 2.35 -9.10 -8.45
N ALA B 295 3.08 -10.00 -9.07
CA ALA B 295 3.08 -11.42 -8.67
C ALA B 295 3.73 -11.54 -7.28
N VAL B 296 3.37 -12.64 -6.64
CA VAL B 296 4.04 -13.13 -5.43
C VAL B 296 5.19 -14.04 -5.83
N SER B 297 6.33 -13.81 -5.19
CA SER B 297 7.58 -14.58 -5.40
C SER B 297 7.92 -15.35 -4.12
N GLU B 298 8.82 -16.30 -4.27
CA GLU B 298 9.28 -17.22 -3.21
C GLU B 298 10.78 -17.12 -3.05
N TRP B 299 11.22 -17.22 -1.78
CA TRP B 299 12.63 -17.42 -1.41
C TRP B 299 12.71 -18.75 -0.67
N VAL B 300 13.82 -19.44 -0.88
CA VAL B 300 14.05 -20.82 -0.39
C VAL B 300 15.30 -20.80 0.50
N TRP B 301 15.24 -21.50 1.62
CA TRP B 301 16.45 -21.95 2.32
C TRP B 301 16.35 -23.45 2.49
N ASN B 302 17.44 -24.14 2.15
CA ASN B 302 17.57 -25.58 2.47
C ASN B 302 19.03 -25.92 2.75
N ARG B 303 19.27 -27.11 3.30
CA ARG B 303 20.62 -27.53 3.74
C ARG B 303 21.55 -27.64 2.54
N ALA B 304 21.02 -28.09 1.42
CA ALA B 304 21.81 -28.45 0.22
C ALA B 304 22.44 -27.18 -0.37
N HIS B 305 21.65 -26.10 -0.54
CA HIS B 305 22.11 -24.92 -1.33
C HIS B 305 21.97 -23.59 -0.58
N GLY B 306 21.39 -23.63 0.62
CA GLY B 306 21.28 -22.41 1.42
C GLY B 306 20.27 -21.47 0.79
N SER B 307 20.57 -20.17 0.84
N SER B 307 20.60 -20.18 0.79
CA SER B 307 19.71 -19.07 0.35
CA SER B 307 19.72 -19.07 0.35
C SER B 307 19.59 -19.10 -1.17
C SER B 307 19.60 -19.05 -1.19
N GLN B 308 18.38 -19.17 -1.71
CA GLN B 308 18.16 -19.19 -3.16
C GLN B 308 16.76 -18.64 -3.45
N LEU B 309 16.60 -17.88 -4.52
CA LEU B 309 15.23 -17.56 -4.96
C LEU B 309 14.55 -18.87 -5.40
N GLY B 310 13.27 -18.98 -5.13
CA GLY B 310 12.46 -20.13 -5.57
C GLY B 310 11.57 -19.73 -6.72
N ARG B 311 10.30 -20.15 -6.65
CA ARG B 311 9.32 -19.89 -7.73
C ARG B 311 9.27 -18.38 -7.96
N SER B 312 9.51 -17.94 -9.21
CA SER B 312 9.63 -16.49 -9.48
C SER B 312 8.27 -15.80 -9.41
N ALA B 313 7.22 -16.52 -9.80
CA ALA B 313 5.86 -15.96 -9.80
C ALA B 313 4.85 -17.05 -9.51
N LEU B 314 4.26 -16.97 -8.31
CA LEU B 314 3.24 -17.97 -7.98
C LEU B 314 2.06 -17.84 -8.92
N PRO B 315 1.29 -18.94 -9.06
CA PRO B 315 -0.07 -18.89 -9.58
C PRO B 315 -0.87 -17.80 -8.89
N PRO B 316 -1.70 -16.99 -9.57
CA PRO B 316 -2.13 -17.21 -10.94
C PRO B 316 -1.27 -16.54 -12.00
N ALA B 317 -0.09 -16.04 -11.64
CA ALA B 317 0.79 -15.32 -12.61
C ALA B 317 1.09 -16.20 -13.83
#